data_3VAL
#
_entry.id   3VAL
#
_cell.length_a   37.583
_cell.length_b   137.081
_cell.length_c   83.962
_cell.angle_alpha   90.00
_cell.angle_beta   102.97
_cell.angle_gamma   90.00
#
_symmetry.space_group_name_H-M   'P 1 21 1'
#
loop_
_entity.id
_entity.type
_entity.pdbx_description
1 polymer 'Splicing factor U2AF 65 kDa subunit'
2 polymer "DNA (5'-D(*C*UP*UP*UP*(BRU)P*UP*U)-3')"
3 non-polymer '1,4-DIETHYLENE DIOXIDE'
4 non-polymer 'SULFATE ION'
5 water water
#
loop_
_entity_poly.entity_id
_entity_poly.type
_entity_poly.pdbx_seq_one_letter_code
_entity_poly.pdbx_strand_id
1 'polypeptide(L)'
;GPLGSARRLYVGNIPFGITEEAMMDFFNAQMRLGGLTQAPGNPVLAVQINQDKNFAFLEFRSVDETTQAMAFDGIIFQGQ
SLKIRRPHDYQPLPGAHKLFIGGLPNYLNDDQVKELLTSFGPLKAFNLVKDSATGLSKGYAFCEYVDINVTDQAIAGLNG
MQLGDKKLLVQRAS
;
A,B,D,I
2 'polydeoxyribonucleotide' (DC)(DU)(DU)(DU)(BRU)(DU)(DU) E,H,K,P
#
# COMPACT_ATOMS: atom_id res chain seq x y z
N GLY A 1 2.06 4.07 28.27
CA GLY A 1 1.15 5.25 28.42
C GLY A 1 0.81 5.54 29.88
N PRO A 2 -0.40 6.07 30.16
CA PRO A 2 -1.42 6.41 29.17
C PRO A 2 -1.04 7.55 28.23
N LEU A 3 0.22 7.96 28.25
CA LEU A 3 0.66 9.04 27.37
C LEU A 3 2.05 8.79 26.76
N GLY A 4 2.67 7.67 27.13
CA GLY A 4 3.98 7.38 26.60
C GLY A 4 3.89 6.70 25.26
N SER A 5 5.03 6.57 24.58
CA SER A 5 5.08 5.89 23.30
C SER A 5 4.21 6.55 22.23
N ALA A 6 4.06 7.86 22.29
CA ALA A 6 3.24 8.58 21.34
C ALA A 6 4.03 9.11 20.15
N ARG A 7 5.36 8.99 20.19
CA ARG A 7 6.18 9.47 19.08
C ARG A 7 7.14 8.41 18.52
N ARG A 8 6.76 7.15 18.71
CA ARG A 8 7.57 6.03 18.26
C ARG A 8 6.74 5.01 17.48
N LEU A 9 7.39 4.29 16.58
CA LEU A 9 6.70 3.23 15.84
C LEU A 9 7.59 2.03 15.72
N TYR A 10 6.96 0.86 15.67
CA TYR A 10 7.70 -0.37 15.51
C TYR A 10 7.79 -0.64 14.01
N VAL A 11 8.97 -1.04 13.56
CA VAL A 11 9.17 -1.35 12.16
C VAL A 11 9.73 -2.77 12.05
N GLY A 12 8.91 -3.69 11.57
CA GLY A 12 9.35 -5.06 11.41
C GLY A 12 9.75 -5.40 9.98
N ASN A 13 10.34 -6.59 9.82
CA ASN A 13 10.80 -7.09 8.52
C ASN A 13 11.67 -6.11 7.76
N ILE A 14 12.49 -5.34 8.48
CA ILE A 14 13.36 -4.38 7.82
C ILE A 14 14.29 -5.12 6.87
N PRO A 15 14.97 -4.39 5.96
CA PRO A 15 15.90 -5.04 5.02
C PRO A 15 17.11 -5.54 5.80
N PHE A 16 17.66 -6.69 5.41
CA PHE A 16 18.83 -7.23 6.11
C PHE A 16 20.06 -6.37 5.76
N GLY A 17 20.75 -5.90 6.79
CA GLY A 17 21.94 -5.09 6.58
C GLY A 17 21.74 -3.59 6.49
N ILE A 18 20.49 -3.16 6.41
CA ILE A 18 20.15 -1.74 6.31
C ILE A 18 20.70 -0.97 7.50
N THR A 19 21.14 0.27 7.27
CA THR A 19 21.65 1.10 8.34
C THR A 19 20.51 1.91 8.96
N GLU A 20 20.76 2.49 10.12
CA GLU A 20 19.74 3.29 10.77
C GLU A 20 19.54 4.60 10.04
N GLU A 21 20.64 5.24 9.61
CA GLU A 21 20.50 6.51 8.92
C GLU A 21 19.78 6.32 7.61
N ALA A 22 19.99 5.17 6.98
CA ALA A 22 19.34 4.87 5.72
C ALA A 22 17.84 4.75 5.97
N MET A 23 17.52 4.06 7.05
CA MET A 23 16.15 3.83 7.46
C MET A 23 15.47 5.19 7.63
N MET A 24 16.18 6.06 8.34
CA MET A 24 15.74 7.41 8.63
C MET A 24 15.49 8.20 7.35
N ASP A 25 16.46 8.15 6.43
CA ASP A 25 16.35 8.87 5.16
C ASP A 25 15.16 8.39 4.35
N PHE A 26 14.93 7.09 4.37
CA PHE A 26 13.81 6.54 3.61
C PHE A 26 12.48 7.07 4.13
N PHE A 27 12.26 6.99 5.45
CA PHE A 27 11.01 7.47 6.03
C PHE A 27 10.81 8.98 5.89
N ASN A 28 11.85 9.79 6.15
CA ASN A 28 11.69 11.23 5.99
C ASN A 28 11.32 11.54 4.54
N ALA A 29 12.01 10.91 3.59
CA ALA A 29 11.73 11.14 2.18
C ALA A 29 10.27 10.79 1.87
N GLN A 30 9.77 9.71 2.45
CA GLN A 30 8.40 9.30 2.20
C GLN A 30 7.41 10.28 2.81
N MET A 31 7.72 10.78 4.00
CA MET A 31 6.87 11.75 4.66
C MET A 31 6.60 12.96 3.74
N ARG A 32 7.64 13.43 3.04
CA ARG A 32 7.50 14.57 2.13
C ARG A 32 6.69 14.16 0.89
N LEU A 33 7.18 13.13 0.20
CA LEU A 33 6.56 12.63 -1.01
C LEU A 33 5.09 12.26 -0.83
N GLY A 34 4.78 11.55 0.24
CA GLY A 34 3.41 11.16 0.49
C GLY A 34 2.59 12.34 0.97
N GLY A 35 3.27 13.42 1.33
CA GLY A 35 2.59 14.61 1.81
C GLY A 35 2.03 14.45 3.22
N LEU A 36 2.80 13.83 4.09
CA LEU A 36 2.37 13.63 5.47
C LEU A 36 3.08 14.54 6.47
N THR A 37 4.17 15.19 6.06
CA THR A 37 4.90 16.11 6.94
C THR A 37 4.05 17.37 7.11
N GLN A 38 3.85 17.80 8.36
CA GLN A 38 3.03 18.97 8.63
C GLN A 38 3.79 20.30 8.74
N ALA A 39 5.11 20.26 8.70
CA ALA A 39 5.90 21.48 8.86
C ALA A 39 7.30 21.35 8.30
N PRO A 40 7.98 22.49 8.07
CA PRO A 40 9.35 22.41 7.53
C PRO A 40 10.16 21.51 8.47
N GLY A 41 11.15 20.79 7.96
CA GLY A 41 11.94 19.92 8.83
C GLY A 41 11.65 18.43 8.79
N ASN A 42 12.58 17.63 9.32
CA ASN A 42 12.42 16.18 9.32
C ASN A 42 11.48 15.64 10.38
N PRO A 43 10.45 14.88 9.96
CA PRO A 43 9.49 14.31 10.91
C PRO A 43 10.17 13.24 11.77
N VAL A 44 11.13 12.53 11.18
CA VAL A 44 11.84 11.48 11.91
C VAL A 44 13.18 11.96 12.44
N LEU A 45 13.33 11.85 13.75
CA LEU A 45 14.55 12.28 14.43
C LEU A 45 15.59 11.18 14.62
N ALA A 46 15.13 9.94 14.81
CA ALA A 46 16.07 8.86 15.01
C ALA A 46 15.49 7.46 14.81
N VAL A 47 16.40 6.56 14.47
CA VAL A 47 16.05 5.17 14.23
C VAL A 47 16.94 4.25 15.07
N GLN A 48 16.29 3.35 15.81
CA GLN A 48 16.97 2.39 16.66
C GLN A 48 16.73 1.00 16.07
N ILE A 49 17.72 0.45 15.40
CA ILE A 49 17.57 -0.88 14.82
C ILE A 49 18.13 -1.97 15.74
N ASN A 50 17.47 -3.12 15.73
CA ASN A 50 17.89 -4.27 16.54
C ASN A 50 18.34 -5.35 15.53
N GLN A 51 19.65 -5.50 15.39
CA GLN A 51 20.26 -6.47 14.49
C GLN A 51 19.74 -7.91 14.65
N ASP A 52 20.03 -8.50 15.80
CA ASP A 52 19.65 -9.88 16.08
C ASP A 52 18.18 -10.22 15.82
N LYS A 53 17.26 -9.38 16.26
CA LYS A 53 15.84 -9.66 16.04
C LYS A 53 15.28 -9.02 14.79
N ASN A 54 16.17 -8.41 14.02
CA ASN A 54 15.80 -7.77 12.76
C ASN A 54 14.57 -6.87 12.83
N PHE A 55 14.61 -5.85 13.68
CA PHE A 55 13.50 -4.91 13.79
C PHE A 55 14.00 -3.55 14.21
N ALA A 56 13.14 -2.55 14.08
CA ALA A 56 13.56 -1.19 14.40
C ALA A 56 12.46 -0.36 15.03
N PHE A 57 12.89 0.80 15.54
CA PHE A 57 11.98 1.77 16.15
C PHE A 57 12.31 3.15 15.59
N LEU A 58 11.29 3.88 15.18
CA LEU A 58 11.47 5.23 14.65
C LEU A 58 11.07 6.21 15.75
N GLU A 59 11.72 7.36 15.80
CA GLU A 59 11.42 8.38 16.80
C GLU A 59 11.01 9.65 16.05
N PHE A 60 9.74 10.02 16.18
CA PHE A 60 9.20 11.20 15.50
C PHE A 60 9.21 12.46 16.37
N ARG A 61 9.31 13.62 15.74
CA ARG A 61 9.35 14.87 16.48
C ARG A 61 7.98 15.30 17.04
N SER A 62 6.91 14.81 16.44
CA SER A 62 5.56 15.15 16.91
C SER A 62 4.61 13.97 16.98
N VAL A 63 3.53 14.12 17.76
CA VAL A 63 2.56 13.07 17.93
C VAL A 63 1.71 12.83 16.67
N ASP A 64 1.21 13.88 16.06
CA ASP A 64 0.38 13.76 14.85
C ASP A 64 1.10 13.09 13.69
N GLU A 65 2.35 13.48 13.45
CA GLU A 65 3.11 12.90 12.36
C GLU A 65 3.36 11.43 12.63
N THR A 66 3.42 11.07 13.90
CA THR A 66 3.64 9.69 14.27
C THR A 66 2.42 8.85 13.85
N THR A 67 1.24 9.45 13.89
CA THR A 67 0.03 8.71 13.50
C THR A 67 -0.11 8.63 11.98
N GLN A 68 0.23 9.71 11.28
CA GLN A 68 0.17 9.74 9.84
C GLN A 68 0.99 8.60 9.27
N ALA A 69 2.21 8.46 9.79
CA ALA A 69 3.12 7.42 9.32
C ALA A 69 2.52 6.02 9.33
N MET A 70 1.52 5.80 10.19
CA MET A 70 0.88 4.50 10.23
C MET A 70 0.48 4.06 8.82
N ALA A 71 0.16 5.03 7.98
CA ALA A 71 -0.27 4.76 6.60
C ALA A 71 0.82 4.06 5.75
N PHE A 72 2.03 3.95 6.27
CA PHE A 72 3.09 3.30 5.53
C PHE A 72 3.13 1.78 5.75
N ASP A 73 2.20 1.27 6.53
CA ASP A 73 2.20 -0.17 6.79
C ASP A 73 2.25 -0.89 5.45
N GLY A 74 3.23 -1.78 5.30
CA GLY A 74 3.35 -2.55 4.08
C GLY A 74 4.25 -1.96 3.02
N ILE A 75 4.64 -0.71 3.16
CA ILE A 75 5.49 -0.08 2.16
C ILE A 75 6.72 -0.94 1.88
N ILE A 76 7.09 -1.03 0.61
CA ILE A 76 8.23 -1.82 0.17
C ILE A 76 9.54 -1.04 0.26
N PHE A 77 10.48 -1.58 1.02
CA PHE A 77 11.78 -0.94 1.19
C PHE A 77 12.87 -1.94 0.86
N GLN A 78 13.49 -1.75 -0.31
CA GLN A 78 14.55 -2.63 -0.80
C GLN A 78 14.07 -4.07 -0.85
N GLY A 79 12.93 -4.29 -1.49
CA GLY A 79 12.39 -5.63 -1.60
C GLY A 79 11.62 -6.12 -0.40
N GLN A 80 11.76 -5.44 0.74
CA GLN A 80 11.06 -5.87 1.95
C GLN A 80 9.77 -5.10 2.20
N SER A 81 8.71 -5.83 2.55
CA SER A 81 7.44 -5.21 2.84
C SER A 81 7.33 -4.85 4.34
N LEU A 82 7.68 -3.60 4.65
CA LEU A 82 7.67 -3.10 6.02
C LEU A 82 6.39 -3.34 6.84
N LYS A 83 6.58 -3.77 8.09
CA LYS A 83 5.46 -3.97 9.01
C LYS A 83 5.50 -2.81 10.00
N ILE A 84 4.58 -1.86 9.84
CA ILE A 84 4.53 -0.69 10.72
C ILE A 84 3.48 -0.81 11.81
N ARG A 85 3.91 -0.81 13.06
CA ARG A 85 2.97 -0.91 14.17
C ARG A 85 3.26 0.06 15.33
N ARG A 86 2.25 0.24 16.19
CA ARG A 86 2.37 1.11 17.37
C ARG A 86 3.24 0.39 18.39
N PRO A 87 3.93 1.15 19.27
CA PRO A 87 4.77 0.50 20.28
C PRO A 87 3.85 -0.29 21.21
N HIS A 88 4.28 -1.44 21.69
CA HIS A 88 3.39 -2.21 22.56
C HIS A 88 2.96 -1.45 23.82
N ASP A 89 3.83 -0.59 24.36
CA ASP A 89 3.48 0.17 25.55
C ASP A 89 2.54 1.31 25.23
N TYR A 90 2.06 1.33 24.00
CA TYR A 90 1.14 2.36 23.57
C TYR A 90 -0.27 1.85 23.83
N GLN A 91 -1.20 2.78 23.88
CA GLN A 91 -2.61 2.47 24.08
C GLN A 91 -3.40 3.75 24.04
N PRO A 92 -4.56 3.72 23.35
CA PRO A 92 -5.42 4.91 23.23
C PRO A 92 -6.37 5.11 24.41
N LEU A 93 -6.99 6.28 24.43
CA LEU A 93 -7.95 6.65 25.46
C LEU A 93 -9.03 5.55 25.50
N PRO A 94 -9.32 4.99 26.70
CA PRO A 94 -10.35 3.94 26.73
C PRO A 94 -11.63 4.39 26.05
N GLY A 95 -12.47 3.43 25.67
CA GLY A 95 -13.73 3.75 25.03
C GLY A 95 -13.50 4.45 23.71
N ALA A 96 -12.25 4.56 23.30
CA ALA A 96 -11.93 5.21 22.04
C ALA A 96 -12.53 4.43 20.88
N HIS A 97 -12.61 3.11 21.06
CA HIS A 97 -13.13 2.22 20.02
C HIS A 97 -14.30 1.35 20.50
N LYS A 98 -14.92 1.73 21.60
CA LYS A 98 -16.07 1.01 22.15
C LYS A 98 -17.04 0.65 21.03
N LEU A 99 -17.63 -0.54 21.11
CA LEU A 99 -18.56 -0.97 20.09
C LEU A 99 -19.94 -1.20 20.67
N PHE A 100 -20.96 -0.92 19.88
CA PHE A 100 -22.34 -1.14 20.27
C PHE A 100 -22.83 -2.36 19.48
N ILE A 101 -23.49 -3.29 20.15
CA ILE A 101 -24.01 -4.48 19.48
C ILE A 101 -25.52 -4.55 19.67
N GLY A 102 -26.26 -4.39 18.58
CA GLY A 102 -27.70 -4.45 18.65
C GLY A 102 -28.31 -5.55 17.80
N GLY A 103 -29.50 -6.01 18.18
CA GLY A 103 -30.17 -7.05 17.44
C GLY A 103 -29.79 -8.44 17.90
N LEU A 104 -29.71 -8.61 19.21
CA LEU A 104 -29.36 -9.90 19.79
C LEU A 104 -30.58 -10.55 20.43
N PRO A 105 -30.74 -11.86 20.27
CA PRO A 105 -31.90 -12.53 20.86
C PRO A 105 -31.81 -12.45 22.38
N ASN A 106 -32.86 -11.91 23.00
CA ASN A 106 -32.92 -11.73 24.45
C ASN A 106 -32.69 -12.97 25.33
N TYR A 107 -32.84 -14.17 24.79
CA TYR A 107 -32.63 -15.37 25.60
C TYR A 107 -31.16 -15.69 25.80
N LEU A 108 -30.32 -15.16 24.92
CA LEU A 108 -28.87 -15.38 24.98
C LEU A 108 -28.21 -14.68 26.16
N ASN A 109 -27.14 -15.28 26.67
CA ASN A 109 -26.39 -14.74 27.79
C ASN A 109 -25.04 -14.15 27.38
N ASP A 110 -24.30 -13.69 28.39
CA ASP A 110 -23.00 -13.07 28.19
C ASP A 110 -21.98 -13.94 27.45
N ASP A 111 -21.91 -15.23 27.76
CA ASP A 111 -20.96 -16.12 27.10
C ASP A 111 -21.37 -16.43 25.67
N GLN A 112 -22.65 -16.68 25.46
CA GLN A 112 -23.13 -16.94 24.11
C GLN A 112 -22.83 -15.72 23.24
N VAL A 113 -23.20 -14.53 23.73
CA VAL A 113 -22.98 -13.30 22.99
C VAL A 113 -21.50 -12.98 22.91
N LYS A 114 -20.77 -13.32 23.96
CA LYS A 114 -19.33 -13.06 23.96
C LYS A 114 -18.64 -13.97 22.94
N GLU A 115 -19.15 -15.19 22.79
CA GLU A 115 -18.54 -16.13 21.86
C GLU A 115 -18.57 -15.67 20.41
N LEU A 116 -19.58 -14.90 20.04
CA LEU A 116 -19.68 -14.40 18.66
C LEU A 116 -18.69 -13.27 18.43
N LEU A 117 -18.43 -12.52 19.51
CA LEU A 117 -17.51 -11.39 19.45
C LEU A 117 -16.05 -11.80 19.55
N THR A 118 -15.76 -12.73 20.46
CA THR A 118 -14.39 -13.20 20.65
C THR A 118 -13.79 -13.94 19.47
N SER A 119 -14.63 -14.43 18.58
CA SER A 119 -14.13 -15.15 17.41
C SER A 119 -13.31 -14.22 16.53
N PHE A 120 -13.46 -12.91 16.74
CA PHE A 120 -12.71 -11.91 15.96
C PHE A 120 -11.41 -11.53 16.63
N GLY A 121 -11.36 -11.69 17.95
CA GLY A 121 -10.19 -11.33 18.72
C GLY A 121 -10.56 -11.10 20.18
N PRO A 122 -9.57 -11.12 21.09
CA PRO A 122 -9.86 -10.91 22.51
C PRO A 122 -10.51 -9.56 22.80
N LEU A 123 -11.30 -9.54 23.86
CA LEU A 123 -12.02 -8.34 24.29
C LEU A 123 -11.40 -7.80 25.58
N LYS A 124 -11.13 -6.50 25.62
CA LYS A 124 -10.56 -5.89 26.82
C LYS A 124 -11.72 -5.52 27.73
N ALA A 125 -12.90 -5.37 27.15
CA ALA A 125 -14.08 -5.03 27.91
C ALA A 125 -15.33 -5.52 27.20
N PHE A 126 -16.36 -5.83 27.99
CA PHE A 126 -17.63 -6.32 27.49
C PHE A 126 -18.72 -6.28 28.56
N ASN A 127 -19.93 -5.95 28.14
CA ASN A 127 -21.07 -5.94 29.02
C ASN A 127 -22.36 -6.03 28.18
N LEU A 128 -23.27 -6.89 28.61
CA LEU A 128 -24.55 -7.07 27.96
C LEU A 128 -25.55 -6.46 28.90
N VAL A 129 -26.33 -5.50 28.40
CA VAL A 129 -27.32 -4.81 29.23
C VAL A 129 -28.51 -5.68 29.56
N LYS A 130 -28.84 -5.74 30.84
CA LYS A 130 -29.94 -6.57 31.32
C LYS A 130 -30.83 -5.80 32.29
N ASP A 131 -32.12 -6.10 32.29
CA ASP A 131 -33.05 -5.46 33.21
C ASP A 131 -32.62 -5.86 34.62
N SER A 132 -32.15 -4.90 35.42
CA SER A 132 -31.69 -5.21 36.77
C SER A 132 -32.73 -5.89 37.68
N ALA A 133 -34.00 -5.82 37.31
CA ALA A 133 -35.03 -6.47 38.10
C ALA A 133 -35.14 -7.95 37.72
N THR A 134 -35.22 -8.21 36.41
CA THR A 134 -35.36 -9.57 35.91
C THR A 134 -34.03 -10.26 35.53
N GLY A 135 -33.03 -9.46 35.18
CA GLY A 135 -31.75 -10.01 34.80
C GLY A 135 -31.80 -10.58 33.39
N LEU A 136 -32.89 -10.27 32.69
CA LEU A 136 -33.12 -10.74 31.34
C LEU A 136 -32.51 -9.77 30.32
N SER A 137 -31.83 -10.30 29.31
CA SER A 137 -31.19 -9.45 28.30
C SER A 137 -32.11 -8.50 27.55
N LYS A 138 -31.57 -7.32 27.26
CA LYS A 138 -32.30 -6.30 26.53
C LYS A 138 -32.01 -6.36 25.04
N GLY A 139 -31.09 -7.24 24.64
CA GLY A 139 -30.77 -7.38 23.23
C GLY A 139 -29.63 -6.54 22.68
N TYR A 140 -28.92 -5.81 23.54
CA TYR A 140 -27.78 -5.02 23.07
C TYR A 140 -26.62 -5.06 24.05
N ALA A 141 -25.41 -4.92 23.52
CA ALA A 141 -24.21 -4.98 24.33
C ALA A 141 -23.08 -4.07 23.83
N PHE A 142 -22.12 -3.81 24.73
CA PHE A 142 -20.97 -2.97 24.41
C PHE A 142 -19.70 -3.81 24.59
N CYS A 143 -18.61 -3.38 23.99
CA CYS A 143 -17.37 -4.11 24.11
C CYS A 143 -16.25 -3.40 23.38
N GLU A 144 -15.03 -3.72 23.75
CA GLU A 144 -13.85 -3.15 23.11
C GLU A 144 -12.86 -4.28 22.93
N TYR A 145 -12.05 -4.19 21.89
CA TYR A 145 -11.06 -5.22 21.61
C TYR A 145 -9.67 -4.82 22.07
N VAL A 146 -8.89 -5.79 22.56
CA VAL A 146 -7.52 -5.52 23.00
C VAL A 146 -6.80 -4.83 21.84
N ASP A 147 -6.64 -5.55 20.74
CA ASP A 147 -6.01 -4.96 19.57
C ASP A 147 -7.18 -4.18 18.98
N ILE A 148 -6.99 -2.87 18.80
CA ILE A 148 -8.08 -2.05 18.30
C ILE A 148 -8.32 -2.01 16.80
N ASN A 149 -7.58 -2.80 16.02
CA ASN A 149 -7.83 -2.82 14.58
C ASN A 149 -8.79 -3.97 14.24
N VAL A 150 -9.06 -4.80 15.25
CA VAL A 150 -9.98 -5.92 15.13
C VAL A 150 -11.37 -5.30 15.15
N THR A 151 -11.43 -4.07 15.64
CA THR A 151 -12.67 -3.32 15.76
C THR A 151 -13.41 -3.23 14.43
N ASP A 152 -12.69 -2.87 13.38
CA ASP A 152 -13.29 -2.77 12.07
C ASP A 152 -13.53 -4.14 11.46
N GLN A 153 -12.76 -5.12 11.88
CA GLN A 153 -12.95 -6.47 11.37
C GLN A 153 -14.25 -7.06 11.90
N ALA A 154 -14.58 -6.73 13.14
CA ALA A 154 -15.80 -7.23 13.80
C ALA A 154 -17.01 -6.54 13.20
N ILE A 155 -16.80 -5.27 12.85
CA ILE A 155 -17.84 -4.45 12.26
C ILE A 155 -18.13 -5.01 10.88
N ALA A 156 -17.08 -5.11 10.07
CA ALA A 156 -17.23 -5.64 8.72
C ALA A 156 -17.83 -7.04 8.69
N GLY A 157 -17.51 -7.87 9.68
CA GLY A 157 -18.04 -9.22 9.68
C GLY A 157 -19.38 -9.40 10.38
N LEU A 158 -19.78 -8.43 11.20
CA LEU A 158 -21.04 -8.55 11.94
C LEU A 158 -22.16 -7.54 11.61
N ASN A 159 -21.81 -6.29 11.38
CA ASN A 159 -22.79 -5.25 11.08
C ASN A 159 -23.61 -5.57 9.84
N GLY A 160 -24.92 -5.41 9.94
CA GLY A 160 -25.80 -5.65 8.83
C GLY A 160 -26.02 -7.13 8.57
N MET A 161 -25.28 -7.97 9.29
CA MET A 161 -25.39 -9.41 9.11
C MET A 161 -26.68 -9.96 9.72
N GLN A 162 -27.10 -11.13 9.23
CA GLN A 162 -28.32 -11.75 9.71
C GLN A 162 -27.99 -12.74 10.81
N LEU A 163 -28.74 -12.66 11.90
CA LEU A 163 -28.57 -13.53 13.07
C LEU A 163 -29.97 -13.79 13.61
N GLY A 164 -30.59 -14.86 13.16
CA GLY A 164 -31.94 -15.16 13.59
C GLY A 164 -32.86 -14.38 12.67
N ASP A 165 -34.01 -13.94 13.18
CA ASP A 165 -34.94 -13.16 12.37
C ASP A 165 -34.48 -11.70 12.27
N LYS A 166 -33.54 -11.32 13.13
CA LYS A 166 -33.04 -9.95 13.17
C LYS A 166 -31.81 -9.68 12.30
N LYS A 167 -31.49 -8.40 12.16
CA LYS A 167 -30.37 -7.95 11.37
C LYS A 167 -29.43 -7.20 12.31
N LEU A 168 -28.37 -7.86 12.75
CA LEU A 168 -27.39 -7.26 13.65
C LEU A 168 -26.97 -5.84 13.31
N LEU A 169 -26.71 -5.06 14.36
CA LEU A 169 -26.21 -3.69 14.22
C LEU A 169 -24.95 -3.67 15.04
N VAL A 170 -23.82 -3.35 14.43
CA VAL A 170 -22.57 -3.31 15.14
C VAL A 170 -21.84 -2.06 14.63
N GLN A 171 -21.53 -1.16 15.56
CA GLN A 171 -20.87 0.10 15.23
C GLN A 171 -20.17 0.71 16.44
N ARG A 172 -19.33 1.70 16.18
CA ARG A 172 -18.64 2.39 17.24
C ARG A 172 -19.69 3.07 18.14
N ALA A 173 -19.61 2.83 19.44
CA ALA A 173 -20.56 3.44 20.36
C ALA A 173 -20.51 4.96 20.23
N SER A 174 -19.37 5.47 19.77
CA SER A 174 -19.15 6.90 19.60
C SER A 174 -18.82 7.56 20.93
N PRO B 2 32.97 -11.74 9.18
CA PRO B 2 31.59 -12.01 9.63
C PRO B 2 30.65 -12.08 8.42
N LEU B 3 29.97 -10.97 8.13
CA LEU B 3 29.06 -10.88 7.00
C LEU B 3 29.70 -9.94 5.98
N GLY B 4 30.96 -10.24 5.66
CA GLY B 4 31.71 -9.43 4.74
C GLY B 4 32.19 -10.16 3.49
N SER B 5 31.29 -10.86 2.84
CA SER B 5 31.64 -11.53 1.60
C SER B 5 31.54 -10.38 0.61
N ALA B 6 30.94 -9.29 1.09
CA ALA B 6 30.73 -8.07 0.33
C ALA B 6 31.79 -7.06 0.73
N ARG B 7 32.83 -7.57 1.37
CA ARG B 7 33.94 -6.76 1.86
C ARG B 7 35.25 -7.38 1.40
N ARG B 8 35.17 -8.30 0.45
CA ARG B 8 36.35 -8.98 -0.08
C ARG B 8 36.29 -9.08 -1.60
N LEU B 9 37.44 -9.17 -2.24
CA LEU B 9 37.49 -9.30 -3.70
C LEU B 9 38.58 -10.27 -4.14
N TYR B 10 38.28 -11.04 -5.20
CA TYR B 10 39.24 -12.00 -5.74
C TYR B 10 40.11 -11.28 -6.76
N VAL B 11 41.42 -11.55 -6.71
CA VAL B 11 42.37 -10.94 -7.64
C VAL B 11 43.18 -11.99 -8.40
N GLY B 12 42.86 -12.17 -9.67
CA GLY B 12 43.59 -13.16 -10.45
C GLY B 12 44.72 -12.59 -11.27
N ASN B 13 45.54 -13.47 -11.82
CA ASN B 13 46.65 -13.10 -12.68
C ASN B 13 47.66 -12.16 -12.05
N ILE B 14 47.93 -12.33 -10.76
CA ILE B 14 48.90 -11.45 -10.10
C ILE B 14 50.32 -11.79 -10.53
N PRO B 15 51.19 -10.77 -10.68
CA PRO B 15 52.58 -10.96 -11.08
C PRO B 15 53.35 -11.84 -10.10
N PHE B 16 54.35 -12.55 -10.59
CA PHE B 16 55.12 -13.41 -9.72
C PHE B 16 56.04 -12.66 -8.76
N GLY B 17 56.02 -13.09 -7.50
CA GLY B 17 56.87 -12.49 -6.50
C GLY B 17 56.17 -11.52 -5.57
N ILE B 18 55.11 -10.90 -6.08
CA ILE B 18 54.37 -9.92 -5.30
C ILE B 18 54.21 -10.30 -3.83
N THR B 19 54.20 -9.28 -2.97
CA THR B 19 54.01 -9.49 -1.55
C THR B 19 52.65 -8.89 -1.19
N GLU B 20 52.09 -9.30 -0.05
CA GLU B 20 50.79 -8.80 0.37
C GLU B 20 50.85 -7.29 0.55
N GLU B 21 51.97 -6.82 1.08
CA GLU B 21 52.16 -5.39 1.30
C GLU B 21 52.05 -4.61 0.00
N ALA B 22 52.77 -5.07 -1.02
CA ALA B 22 52.76 -4.43 -2.31
C ALA B 22 51.33 -4.30 -2.84
N MET B 23 50.64 -5.43 -2.93
CA MET B 23 49.25 -5.44 -3.40
C MET B 23 48.43 -4.42 -2.62
N MET B 24 48.57 -4.46 -1.30
CA MET B 24 47.88 -3.54 -0.41
C MET B 24 48.12 -2.08 -0.80
N ASP B 25 49.37 -1.75 -1.08
CA ASP B 25 49.71 -0.39 -1.47
C ASP B 25 49.08 -0.03 -2.80
N PHE B 26 49.22 -0.93 -3.76
CA PHE B 26 48.67 -0.72 -5.09
C PHE B 26 47.20 -0.34 -5.07
N PHE B 27 46.39 -1.11 -4.34
CA PHE B 27 44.97 -0.81 -4.30
C PHE B 27 44.63 0.43 -3.48
N ASN B 28 45.35 0.67 -2.38
CA ASN B 28 45.08 1.87 -1.61
C ASN B 28 45.46 3.08 -2.44
N ALA B 29 46.60 3.00 -3.12
CA ALA B 29 47.05 4.08 -3.99
C ALA B 29 46.02 4.21 -5.12
N GLN B 30 45.64 3.09 -5.72
CA GLN B 30 44.67 3.12 -6.80
C GLN B 30 43.35 3.76 -6.38
N MET B 31 42.81 3.32 -5.24
CA MET B 31 41.54 3.87 -4.74
C MET B 31 41.60 5.40 -4.60
N ARG B 32 42.77 5.92 -4.27
CA ARG B 32 42.95 7.37 -4.10
C ARG B 32 42.92 8.16 -5.41
N LEU B 33 43.70 7.72 -6.39
CA LEU B 33 43.75 8.40 -7.68
C LEU B 33 42.38 8.62 -8.30
N GLY B 34 41.46 7.72 -8.02
CA GLY B 34 40.12 7.82 -8.59
C GLY B 34 39.09 8.43 -7.66
N GLY B 35 39.50 8.72 -6.43
CA GLY B 35 38.57 9.28 -5.48
C GLY B 35 37.50 8.28 -5.10
N LEU B 36 37.86 7.00 -5.18
CA LEU B 36 36.95 5.91 -4.83
C LEU B 36 36.86 5.80 -3.30
N THR B 37 37.79 6.45 -2.64
CA THR B 37 37.86 6.47 -1.18
C THR B 37 36.65 7.24 -0.66
N GLN B 38 36.12 6.81 0.49
CA GLN B 38 34.98 7.47 1.08
C GLN B 38 35.36 7.99 2.47
N ALA B 39 36.66 8.04 2.73
CA ALA B 39 37.17 8.50 4.03
C ALA B 39 38.69 8.50 4.13
N PRO B 40 39.24 9.29 5.06
CA PRO B 40 40.70 9.26 5.16
C PRO B 40 41.11 7.86 5.54
N GLY B 41 42.36 7.52 5.27
CA GLY B 41 42.82 6.18 5.60
C GLY B 41 42.70 5.24 4.40
N ASN B 42 43.35 4.09 4.55
CA ASN B 42 43.38 3.06 3.52
C ASN B 42 42.16 2.15 3.55
N PRO B 43 41.48 2.00 2.40
CA PRO B 43 40.29 1.18 2.21
C PRO B 43 40.56 -0.33 2.32
N VAL B 44 41.79 -0.75 2.05
CA VAL B 44 42.14 -2.16 2.11
C VAL B 44 42.83 -2.53 3.41
N LEU B 45 42.17 -3.35 4.21
CA LEU B 45 42.69 -3.79 5.49
C LEU B 45 43.73 -4.88 5.34
N ALA B 46 43.47 -5.87 4.49
CA ALA B 46 44.42 -6.97 4.31
C ALA B 46 44.35 -7.71 2.97
N VAL B 47 45.47 -8.31 2.62
CA VAL B 47 45.60 -9.06 1.38
C VAL B 47 46.24 -10.42 1.66
N GLN B 48 45.58 -11.49 1.22
CA GLN B 48 46.11 -12.84 1.39
C GLN B 48 46.42 -13.39 0.00
N ILE B 49 47.66 -13.80 -0.20
CA ILE B 49 48.09 -14.35 -1.49
C ILE B 49 48.33 -15.87 -1.50
N ASN B 50 47.83 -16.53 -2.53
CA ASN B 50 48.04 -17.96 -2.71
C ASN B 50 49.06 -18.02 -3.84
N GLN B 51 50.33 -17.97 -3.47
CA GLN B 51 51.46 -17.98 -4.41
C GLN B 51 51.47 -19.07 -5.50
N ASP B 52 51.03 -20.28 -5.15
CA ASP B 52 51.01 -21.39 -6.09
C ASP B 52 50.01 -21.29 -7.25
N LYS B 53 48.80 -20.78 -6.98
CA LYS B 53 47.77 -20.65 -8.01
C LYS B 53 47.57 -19.21 -8.47
N ASN B 54 48.53 -18.35 -8.16
CA ASN B 54 48.53 -16.95 -8.55
C ASN B 54 47.23 -16.18 -8.40
N PHE B 55 46.75 -16.05 -7.17
CA PHE B 55 45.56 -15.28 -6.94
C PHE B 55 45.64 -14.76 -5.51
N ALA B 56 44.68 -13.93 -5.14
CA ALA B 56 44.69 -13.35 -3.81
C ALA B 56 43.34 -12.79 -3.51
N PHE B 57 43.15 -12.39 -2.27
CA PHE B 57 41.89 -11.78 -1.85
C PHE B 57 42.17 -10.43 -1.19
N LEU B 58 41.31 -9.47 -1.47
CA LEU B 58 41.47 -8.14 -0.92
C LEU B 58 40.40 -7.95 0.16
N GLU B 59 40.83 -7.52 1.34
CA GLU B 59 39.94 -7.26 2.47
C GLU B 59 39.71 -5.76 2.58
N PHE B 60 38.48 -5.32 2.33
CA PHE B 60 38.11 -3.91 2.40
C PHE B 60 37.45 -3.56 3.74
N ARG B 61 37.60 -2.29 4.15
CA ARG B 61 37.03 -1.83 5.41
C ARG B 61 35.53 -1.58 5.33
N SER B 62 35.03 -1.25 4.14
CA SER B 62 33.61 -0.97 4.00
C SER B 62 33.07 -1.59 2.72
N VAL B 63 31.77 -1.84 2.72
CA VAL B 63 31.09 -2.43 1.58
C VAL B 63 31.22 -1.64 0.28
N ASP B 64 30.73 -0.40 0.27
CA ASP B 64 30.78 0.46 -0.92
C ASP B 64 32.17 0.55 -1.54
N GLU B 65 33.19 0.75 -0.72
CA GLU B 65 34.53 0.84 -1.27
C GLU B 65 34.93 -0.47 -1.92
N THR B 66 34.28 -1.56 -1.53
CA THR B 66 34.57 -2.87 -2.12
C THR B 66 33.94 -2.86 -3.51
N THR B 67 32.68 -2.45 -3.57
CA THR B 67 31.95 -2.37 -4.84
C THR B 67 32.70 -1.43 -5.76
N GLN B 68 33.28 -0.39 -5.17
CA GLN B 68 34.03 0.59 -5.95
C GLN B 68 35.26 0.00 -6.61
N ALA B 69 35.95 -0.88 -5.91
CA ALA B 69 37.16 -1.49 -6.43
C ALA B 69 36.91 -2.43 -7.61
N MET B 70 35.66 -2.77 -7.86
CA MET B 70 35.31 -3.65 -8.99
C MET B 70 35.71 -2.98 -10.30
N ALA B 71 35.81 -1.67 -10.28
CA ALA B 71 36.17 -0.89 -11.48
C ALA B 71 37.63 -1.03 -11.86
N PHE B 72 38.40 -1.73 -11.04
CA PHE B 72 39.82 -1.91 -11.30
C PHE B 72 40.10 -3.15 -12.13
N ASP B 73 39.05 -3.82 -12.57
CA ASP B 73 39.23 -5.01 -13.38
C ASP B 73 39.98 -4.65 -14.65
N GLY B 74 41.07 -5.37 -14.91
CA GLY B 74 41.88 -5.11 -16.08
C GLY B 74 43.05 -4.18 -15.78
N ILE B 75 43.01 -3.55 -14.61
CA ILE B 75 44.06 -2.61 -14.21
C ILE B 75 45.44 -3.24 -14.27
N ILE B 76 46.42 -2.42 -14.60
CA ILE B 76 47.80 -2.88 -14.74
C ILE B 76 48.62 -2.74 -13.45
N PHE B 77 49.23 -3.84 -13.06
CA PHE B 77 50.06 -3.89 -11.87
C PHE B 77 51.28 -4.68 -12.28
N GLN B 78 52.43 -4.01 -12.20
CA GLN B 78 53.71 -4.60 -12.57
C GLN B 78 53.64 -5.22 -13.95
N GLY B 79 53.14 -4.45 -14.91
CA GLY B 79 53.04 -4.90 -16.28
C GLY B 79 52.07 -6.01 -16.58
N GLN B 80 51.22 -6.38 -15.61
CA GLN B 80 50.23 -7.43 -15.81
C GLN B 80 48.80 -6.96 -15.52
N SER B 81 47.88 -7.38 -16.38
CA SER B 81 46.48 -7.02 -16.25
C SER B 81 45.81 -7.86 -15.16
N LEU B 82 45.30 -7.18 -14.15
CA LEU B 82 44.65 -7.84 -13.03
C LEU B 82 43.22 -8.22 -13.30
N LYS B 83 42.81 -9.34 -12.72
CA LYS B 83 41.44 -9.81 -12.88
C LYS B 83 40.76 -9.61 -11.53
N ILE B 84 39.66 -8.86 -11.53
CA ILE B 84 38.94 -8.59 -10.30
C ILE B 84 37.52 -9.15 -10.38
N ARG B 85 37.11 -9.87 -9.33
CA ARG B 85 35.78 -10.47 -9.32
C ARG B 85 35.27 -10.57 -7.89
N ARG B 86 33.96 -10.76 -7.76
CA ARG B 86 33.33 -10.94 -6.46
C ARG B 86 33.72 -12.31 -5.91
N PRO B 87 33.70 -12.47 -4.58
CA PRO B 87 34.06 -13.79 -4.07
C PRO B 87 32.91 -14.67 -4.48
N HIS B 88 33.05 -15.98 -4.37
CA HIS B 88 31.96 -16.87 -4.73
C HIS B 88 30.90 -16.90 -3.63
N ASP B 89 31.31 -16.63 -2.40
CA ASP B 89 30.38 -16.63 -1.26
C ASP B 89 29.44 -15.41 -1.29
N TYR B 90 29.86 -14.37 -2.02
CA TYR B 90 29.10 -13.12 -2.14
C TYR B 90 27.62 -13.30 -2.42
N GLN B 91 26.80 -12.55 -1.67
CA GLN B 91 25.36 -12.58 -1.85
C GLN B 91 24.89 -11.17 -2.16
N PRO B 92 24.60 -10.87 -3.44
CA PRO B 92 24.13 -9.53 -3.80
C PRO B 92 22.83 -9.18 -3.08
N LEU B 93 22.03 -10.21 -2.78
CA LEU B 93 20.78 -10.03 -2.06
C LEU B 93 20.99 -10.66 -0.67
N PRO B 94 21.68 -9.95 0.23
CA PRO B 94 21.98 -10.43 1.59
C PRO B 94 20.78 -10.95 2.39
N GLY B 95 21.02 -12.01 3.17
CA GLY B 95 19.98 -12.60 3.99
C GLY B 95 18.90 -13.41 3.30
N ALA B 96 19.00 -13.51 1.97
CA ALA B 96 18.05 -14.25 1.16
C ALA B 96 17.92 -15.71 1.56
N HIS B 97 18.89 -16.21 2.33
CA HIS B 97 18.86 -17.61 2.77
C HIS B 97 18.53 -17.74 4.25
N LYS B 98 18.17 -16.61 4.86
CA LYS B 98 17.80 -16.60 6.28
C LYS B 98 16.52 -17.41 6.40
N LEU B 99 16.53 -18.43 7.25
CA LEU B 99 15.37 -19.29 7.44
C LEU B 99 14.42 -18.87 8.56
N PHE B 100 13.20 -19.36 8.44
CA PHE B 100 12.18 -19.11 9.44
C PHE B 100 11.63 -20.46 9.90
N ILE B 101 11.73 -20.72 11.19
CA ILE B 101 11.24 -21.98 11.73
C ILE B 101 10.02 -21.71 12.60
N GLY B 102 8.84 -22.09 12.10
CA GLY B 102 7.62 -21.87 12.85
C GLY B 102 7.01 -23.16 13.37
N GLY B 103 6.07 -23.03 14.32
CA GLY B 103 5.44 -24.21 14.89
C GLY B 103 6.34 -25.00 15.83
N LEU B 104 7.15 -24.28 16.59
CA LEU B 104 8.07 -24.90 17.55
C LEU B 104 7.40 -25.03 18.91
N PRO B 105 7.20 -26.27 19.39
CA PRO B 105 6.57 -26.42 20.71
C PRO B 105 7.32 -25.52 21.69
N ASN B 106 6.58 -24.80 22.53
CA ASN B 106 7.17 -23.88 23.50
C ASN B 106 8.14 -24.44 24.51
N TYR B 107 7.94 -25.68 24.94
CA TYR B 107 8.85 -26.28 25.92
C TYR B 107 10.27 -26.42 25.39
N LEU B 108 10.41 -26.38 24.06
CA LEU B 108 11.72 -26.51 23.41
C LEU B 108 12.55 -25.25 23.62
N ASN B 109 13.80 -25.42 24.01
CA ASN B 109 14.70 -24.29 24.27
C ASN B 109 15.72 -24.06 23.16
N ASP B 110 16.49 -22.98 23.30
CA ASP B 110 17.50 -22.61 22.31
C ASP B 110 18.35 -23.76 21.81
N ASP B 111 19.12 -24.38 22.71
CA ASP B 111 19.98 -25.50 22.32
C ASP B 111 19.20 -26.66 21.71
N GLN B 112 18.02 -26.93 22.24
CA GLN B 112 17.18 -28.01 21.71
C GLN B 112 16.91 -27.74 20.23
N VAL B 113 16.21 -26.64 19.96
CA VAL B 113 15.87 -26.23 18.60
C VAL B 113 17.11 -26.03 17.74
N LYS B 114 18.17 -25.53 18.36
CA LYS B 114 19.42 -25.30 17.65
C LYS B 114 19.97 -26.66 17.19
N GLU B 115 19.83 -27.67 18.05
CA GLU B 115 20.32 -29.01 17.72
C GLU B 115 19.53 -29.56 16.53
N LEU B 116 18.22 -29.39 16.58
CA LEU B 116 17.31 -29.86 15.53
C LEU B 116 17.82 -29.37 14.18
N LEU B 117 18.36 -28.15 14.16
CA LEU B 117 18.87 -27.51 12.96
C LEU B 117 20.27 -27.93 12.55
N THR B 118 21.18 -28.06 13.51
CA THR B 118 22.57 -28.44 13.21
C THR B 118 22.65 -29.81 12.56
N SER B 119 21.54 -30.53 12.58
CA SER B 119 21.51 -31.85 11.97
C SER B 119 22.08 -31.68 10.57
N PHE B 120 21.59 -30.66 9.85
CA PHE B 120 22.04 -30.40 8.49
C PHE B 120 23.30 -29.55 8.38
N GLY B 121 23.88 -29.19 9.53
CA GLY B 121 25.11 -28.39 9.49
C GLY B 121 25.22 -27.22 10.43
N PRO B 122 26.45 -26.70 10.63
CA PRO B 122 26.73 -25.57 11.52
C PRO B 122 26.05 -24.28 11.05
N LEU B 123 25.68 -23.45 12.01
CA LEU B 123 25.01 -22.18 11.71
C LEU B 123 25.96 -20.99 11.89
N LYS B 124 25.65 -19.89 11.21
CA LYS B 124 26.46 -18.69 11.37
C LYS B 124 25.60 -17.72 12.18
N ALA B 125 24.30 -18.03 12.27
CA ALA B 125 23.35 -17.21 13.02
C ALA B 125 22.13 -18.01 13.44
N PHE B 126 21.59 -17.69 14.61
CA PHE B 126 20.40 -18.33 15.17
C PHE B 126 19.88 -17.58 16.38
N ASN B 127 18.55 -17.51 16.50
CA ASN B 127 17.92 -16.84 17.62
C ASN B 127 16.48 -17.33 17.74
N LEU B 128 16.06 -17.62 18.97
CA LEU B 128 14.71 -18.11 19.23
C LEU B 128 13.97 -16.96 19.89
N VAL B 129 12.87 -16.54 19.29
CA VAL B 129 12.11 -15.42 19.81
C VAL B 129 11.40 -15.76 21.12
N LYS B 130 11.68 -14.98 22.16
CA LYS B 130 11.08 -15.20 23.47
C LYS B 130 10.29 -13.96 23.88
N ASP B 131 9.38 -14.10 24.84
CA ASP B 131 8.61 -12.95 25.28
C ASP B 131 9.48 -12.10 26.20
N SER B 132 9.75 -10.88 25.77
CA SER B 132 10.56 -9.94 26.53
C SER B 132 10.21 -9.96 28.01
N ALA B 133 8.94 -10.17 28.30
CA ALA B 133 8.47 -10.20 29.68
C ALA B 133 8.71 -11.55 30.37
N THR B 134 7.99 -12.58 29.93
CA THR B 134 8.11 -13.90 30.55
C THR B 134 9.44 -14.60 30.32
N GLY B 135 10.09 -14.32 29.19
CA GLY B 135 11.36 -14.97 28.90
C GLY B 135 11.12 -16.30 28.21
N LEU B 136 9.84 -16.67 28.10
CA LEU B 136 9.42 -17.92 27.47
C LEU B 136 9.46 -17.80 25.94
N SER B 137 9.51 -18.94 25.27
CA SER B 137 9.56 -19.01 23.80
C SER B 137 8.23 -18.77 23.13
N LYS B 138 8.24 -18.06 22.01
CA LYS B 138 7.01 -17.78 21.28
C LYS B 138 6.70 -18.83 20.21
N GLY B 139 7.50 -19.88 20.16
CA GLY B 139 7.24 -20.93 19.18
C GLY B 139 7.79 -20.75 17.76
N TYR B 140 8.66 -19.76 17.57
CA TYR B 140 9.25 -19.53 16.26
C TYR B 140 10.66 -18.97 16.39
N ALA B 141 11.53 -19.32 15.44
CA ALA B 141 12.91 -18.90 15.47
C ALA B 141 13.43 -18.45 14.09
N PHE B 142 14.72 -18.18 14.01
CA PHE B 142 15.36 -17.76 12.77
C PHE B 142 16.80 -18.22 12.81
N CYS B 143 17.33 -18.59 11.64
CA CYS B 143 18.72 -19.04 11.56
C CYS B 143 19.20 -18.85 10.14
N GLU B 144 20.49 -19.09 9.94
CA GLU B 144 21.13 -18.99 8.65
C GLU B 144 22.32 -19.93 8.71
N TYR B 145 22.41 -20.83 7.73
CA TYR B 145 23.50 -21.82 7.69
C TYR B 145 24.81 -21.25 7.15
N VAL B 146 25.92 -21.70 7.73
CA VAL B 146 27.24 -21.26 7.29
C VAL B 146 27.34 -21.58 5.80
N ASP B 147 27.08 -22.84 5.45
CA ASP B 147 27.09 -23.26 4.05
C ASP B 147 25.69 -22.91 3.56
N ILE B 148 25.61 -21.91 2.68
CA ILE B 148 24.32 -21.46 2.18
C ILE B 148 23.47 -22.45 1.37
N ASN B 149 24.10 -23.47 0.79
CA ASN B 149 23.36 -24.46 0.00
C ASN B 149 22.64 -25.53 0.80
N VAL B 150 22.72 -25.43 2.13
CA VAL B 150 22.08 -26.37 3.04
C VAL B 150 20.64 -25.94 3.32
N THR B 151 20.38 -24.66 3.09
CA THR B 151 19.07 -24.07 3.30
C THR B 151 17.98 -24.91 2.67
N ASP B 152 18.27 -25.46 1.51
CA ASP B 152 17.29 -26.28 0.83
C ASP B 152 17.29 -27.69 1.42
N GLN B 153 18.45 -28.18 1.83
CA GLN B 153 18.52 -29.51 2.45
C GLN B 153 17.67 -29.44 3.72
N ALA B 154 17.97 -28.44 4.56
CA ALA B 154 17.28 -28.23 5.82
C ALA B 154 15.78 -28.07 5.67
N ILE B 155 15.35 -27.27 4.70
CA ILE B 155 13.93 -27.06 4.48
C ILE B 155 13.32 -28.41 4.13
N ALA B 156 13.99 -29.11 3.23
CA ALA B 156 13.55 -30.43 2.77
C ALA B 156 13.28 -31.37 3.93
N GLY B 157 14.21 -31.44 4.86
CA GLY B 157 14.05 -32.33 5.99
C GLY B 157 13.20 -31.85 7.15
N LEU B 158 13.08 -30.54 7.34
CA LEU B 158 12.31 -30.00 8.46
C LEU B 158 10.90 -29.51 8.17
N ASN B 159 10.70 -28.82 7.06
CA ASN B 159 9.36 -28.31 6.74
C ASN B 159 8.28 -29.37 6.76
N GLY B 160 7.36 -29.25 7.71
CA GLY B 160 6.28 -30.21 7.82
C GLY B 160 6.55 -31.31 8.82
N MET B 161 7.75 -31.34 9.38
CA MET B 161 8.10 -32.36 10.36
C MET B 161 7.07 -32.34 11.49
N GLN B 162 7.19 -33.28 12.42
CA GLN B 162 6.25 -33.36 13.52
C GLN B 162 6.96 -33.37 14.88
N LEU B 163 6.54 -32.47 15.75
CA LEU B 163 7.07 -32.37 17.09
C LEU B 163 5.86 -32.18 17.99
N GLY B 164 5.66 -33.12 18.90
CA GLY B 164 4.54 -33.04 19.80
C GLY B 164 3.24 -32.96 19.03
N ASP B 165 2.57 -31.81 19.11
CA ASP B 165 1.30 -31.59 18.43
C ASP B 165 1.41 -30.49 17.39
N LYS B 166 2.57 -29.85 17.32
CA LYS B 166 2.77 -28.76 16.36
C LYS B 166 3.39 -29.27 15.05
N LYS B 167 3.04 -28.61 13.95
CA LYS B 167 3.56 -28.97 12.64
C LYS B 167 4.58 -27.92 12.23
N LEU B 168 5.86 -28.29 12.26
CA LEU B 168 6.91 -27.35 11.89
C LEU B 168 6.81 -26.76 10.49
N LEU B 169 6.96 -25.45 10.40
CA LEU B 169 6.94 -24.74 9.14
C LEU B 169 8.35 -24.18 8.99
N VAL B 170 9.04 -24.59 7.94
CA VAL B 170 10.39 -24.08 7.70
C VAL B 170 10.48 -23.60 6.27
N GLN B 171 10.94 -22.37 6.12
CA GLN B 171 11.07 -21.74 4.81
C GLN B 171 12.07 -20.61 4.94
N ARG B 172 12.21 -19.82 3.90
CA ARG B 172 13.13 -18.71 3.96
C ARG B 172 12.39 -17.55 4.64
N ALA B 173 13.06 -16.93 5.61
CA ALA B 173 12.48 -15.81 6.35
C ALA B 173 12.07 -14.75 5.35
N SER B 174 12.93 -14.55 4.35
CA SER B 174 12.71 -13.58 3.28
C SER B 174 13.25 -12.22 3.66
N GLY C 1 -16.94 28.33 -1.03
CA GLY C 1 -15.68 28.98 -0.55
C GLY C 1 -14.82 29.48 -1.68
N PRO C 2 -13.84 28.68 -2.14
CA PRO C 2 -13.56 27.34 -1.60
C PRO C 2 -13.14 27.40 -0.13
N LEU C 3 -12.65 28.55 0.32
CA LEU C 3 -12.19 28.72 1.70
C LEU C 3 -12.86 29.83 2.52
N GLY C 4 -13.83 30.53 1.94
CA GLY C 4 -14.49 31.59 2.67
C GLY C 4 -15.59 31.04 3.56
N SER C 5 -16.06 31.86 4.50
CA SER C 5 -17.12 31.47 5.42
C SER C 5 -16.63 30.36 6.34
N ALA C 6 -15.34 30.36 6.63
CA ALA C 6 -14.71 29.35 7.46
C ALA C 6 -14.87 29.52 8.97
N ARG C 7 -15.19 30.73 9.42
CA ARG C 7 -15.33 30.99 10.85
C ARG C 7 -16.65 31.68 11.15
N ARG C 8 -17.69 31.29 10.43
CA ARG C 8 -18.99 31.90 10.65
C ARG C 8 -20.08 30.85 10.73
N LEU C 9 -21.15 31.17 11.44
CA LEU C 9 -22.29 30.28 11.56
C LEU C 9 -23.60 31.04 11.56
N TYR C 10 -24.62 30.40 11.02
CA TYR C 10 -25.95 30.96 10.96
C TYR C 10 -26.73 30.39 12.14
N VAL C 11 -27.45 31.24 12.86
CA VAL C 11 -28.23 30.80 14.01
C VAL C 11 -29.69 31.19 13.79
N GLY C 12 -30.54 30.19 13.67
CA GLY C 12 -31.96 30.47 13.46
C GLY C 12 -32.77 30.26 14.73
N ASN C 13 -34.05 30.61 14.63
CA ASN C 13 -35.00 30.47 15.72
C ASN C 13 -34.52 31.11 17.03
N ILE C 14 -33.77 32.21 16.93
CA ILE C 14 -33.24 32.88 18.11
C ILE C 14 -34.30 33.51 18.98
N PRO C 15 -33.99 33.72 20.27
CA PRO C 15 -34.95 34.33 21.18
C PRO C 15 -35.27 35.73 20.67
N PHE C 16 -36.50 36.19 20.90
CA PHE C 16 -36.87 37.53 20.47
C PHE C 16 -36.45 38.58 21.50
N GLY C 17 -35.92 39.70 21.01
CA GLY C 17 -35.48 40.75 21.90
C GLY C 17 -34.05 40.49 22.32
N ILE C 18 -33.58 39.29 22.03
CA ILE C 18 -32.21 38.88 22.37
C ILE C 18 -31.22 39.90 21.80
N THR C 19 -30.12 40.12 22.53
CA THR C 19 -29.10 41.07 22.10
C THR C 19 -27.89 40.35 21.54
N GLU C 20 -27.01 41.10 20.89
CA GLU C 20 -25.81 40.51 20.33
C GLU C 20 -24.89 40.16 21.51
N GLU C 21 -24.85 41.05 22.50
CA GLU C 21 -24.04 40.85 23.71
C GLU C 21 -24.40 39.52 24.37
N ALA C 22 -25.70 39.33 24.63
CA ALA C 22 -26.20 38.12 25.29
C ALA C 22 -25.91 36.84 24.50
N MET C 23 -26.14 36.88 23.20
CA MET C 23 -25.91 35.71 22.36
C MET C 23 -24.44 35.35 22.40
N MET C 24 -23.60 36.37 22.35
CA MET C 24 -22.18 36.15 22.38
C MET C 24 -21.80 35.50 23.70
N ASP C 25 -22.34 36.03 24.79
CA ASP C 25 -22.05 35.51 26.12
C ASP C 25 -22.54 34.08 26.28
N PHE C 26 -23.62 33.73 25.59
CA PHE C 26 -24.14 32.38 25.72
C PHE C 26 -23.24 31.33 25.08
N PHE C 27 -22.88 31.52 23.82
CA PHE C 27 -22.03 30.55 23.16
C PHE C 27 -20.66 30.48 23.78
N ASN C 28 -20.07 31.63 24.10
CA ASN C 28 -18.76 31.62 24.71
C ASN C 28 -18.81 30.79 26.00
N ALA C 29 -19.87 30.96 26.77
CA ALA C 29 -20.03 30.21 28.01
C ALA C 29 -20.22 28.71 27.71
N GLN C 30 -20.93 28.41 26.62
CA GLN C 30 -21.19 27.03 26.23
C GLN C 30 -19.93 26.34 25.73
N MET C 31 -19.13 27.06 24.95
CA MET C 31 -17.89 26.51 24.43
C MET C 31 -16.97 26.05 25.58
N ARG C 32 -17.08 26.73 26.73
CA ARG C 32 -16.29 26.40 27.91
C ARG C 32 -16.91 25.26 28.73
N LEU C 33 -18.20 25.35 29.00
CA LEU C 33 -18.85 24.31 29.78
C LEU C 33 -18.85 22.95 29.07
N GLY C 34 -18.96 22.99 27.75
CA GLY C 34 -18.96 21.75 26.98
C GLY C 34 -17.56 21.35 26.55
N GLY C 35 -16.56 22.07 27.06
CA GLY C 35 -15.19 21.76 26.71
C GLY C 35 -14.95 21.72 25.22
N LEU C 36 -15.41 22.76 24.53
CA LEU C 36 -15.23 22.82 23.10
C LEU C 36 -14.16 23.86 22.73
N THR C 37 -13.79 24.71 23.69
CA THR C 37 -12.77 25.73 23.46
C THR C 37 -11.42 25.07 23.38
N GLN C 38 -10.47 25.72 22.73
CA GLN C 38 -9.15 25.13 22.58
C GLN C 38 -8.01 26.02 23.03
N ALA C 39 -8.33 27.15 23.63
CA ALA C 39 -7.29 28.08 24.08
C ALA C 39 -7.87 29.15 24.99
N PRO C 40 -7.04 29.77 25.84
CA PRO C 40 -7.66 30.81 26.67
C PRO C 40 -8.36 31.83 25.78
N GLY C 41 -9.31 32.59 26.33
CA GLY C 41 -10.01 33.57 25.52
C GLY C 41 -11.36 33.11 24.99
N ASN C 42 -12.04 33.98 24.26
CA ASN C 42 -13.35 33.65 23.70
C ASN C 42 -13.31 33.14 22.27
N PRO C 43 -13.99 32.01 22.01
CA PRO C 43 -14.03 31.43 20.67
C PRO C 43 -14.90 32.33 19.79
N VAL C 44 -15.92 32.95 20.40
CA VAL C 44 -16.80 33.83 19.67
C VAL C 44 -16.44 35.29 19.88
N LEU C 45 -16.05 35.93 18.79
CA LEU C 45 -15.67 37.33 18.80
C LEU C 45 -16.86 38.27 18.58
N ALA C 46 -17.71 37.95 17.61
CA ALA C 46 -18.84 38.83 17.33
C ALA C 46 -20.12 38.14 16.89
N VAL C 47 -21.24 38.84 17.11
CA VAL C 47 -22.56 38.32 16.77
C VAL C 47 -23.41 39.38 16.09
N GLN C 48 -23.82 39.11 14.85
CA GLN C 48 -24.64 40.04 14.09
C GLN C 48 -26.04 39.45 14.07
N ILE C 49 -27.02 40.26 14.47
CA ILE C 49 -28.40 39.80 14.50
C ILE C 49 -29.29 40.55 13.53
N ASN C 50 -30.23 39.83 12.93
CA ASN C 50 -31.18 40.40 12.00
C ASN C 50 -32.54 40.32 12.68
N GLN C 51 -32.84 41.33 13.48
CA GLN C 51 -34.08 41.42 14.24
C GLN C 51 -35.36 41.01 13.50
N ASP C 52 -35.57 41.55 12.30
CA ASP C 52 -36.78 41.24 11.54
C ASP C 52 -36.94 39.81 11.03
N LYS C 53 -35.87 39.24 10.51
CA LYS C 53 -35.95 37.87 9.99
C LYS C 53 -35.57 36.85 11.06
N ASN C 54 -35.35 37.37 12.27
CA ASN C 54 -35.04 36.56 13.44
C ASN C 54 -33.84 35.63 13.42
N PHE C 55 -32.75 36.02 12.77
CA PHE C 55 -31.57 35.16 12.73
C PHE C 55 -30.31 35.94 13.06
N ALA C 56 -29.21 35.22 13.21
CA ALA C 56 -27.95 35.84 13.53
C ALA C 56 -26.79 35.08 12.93
N PHE C 57 -25.61 35.68 13.00
CA PHE C 57 -24.39 35.05 12.52
C PHE C 57 -23.32 35.16 13.59
N LEU C 58 -22.67 34.04 13.88
CA LEU C 58 -21.60 34.01 14.87
C LEU C 58 -20.28 34.10 14.11
N GLU C 59 -19.31 34.80 14.69
CA GLU C 59 -18.01 34.95 14.06
C GLU C 59 -16.99 34.35 15.01
N PHE C 60 -16.28 33.34 14.54
CA PHE C 60 -15.28 32.67 15.36
C PHE C 60 -13.84 33.09 15.10
N ARG C 61 -13.03 33.08 16.15
CA ARG C 61 -11.64 33.46 16.03
C ARG C 61 -10.83 32.41 15.28
N SER C 62 -11.36 31.19 15.19
CA SER C 62 -10.64 30.11 14.51
C SER C 62 -11.52 29.25 13.61
N VAL C 63 -10.86 28.45 12.79
CA VAL C 63 -11.56 27.55 11.89
C VAL C 63 -12.06 26.30 12.63
N ASP C 64 -11.20 25.72 13.48
CA ASP C 64 -11.59 24.51 14.19
C ASP C 64 -12.69 24.72 15.21
N GLU C 65 -12.63 25.80 15.97
CA GLU C 65 -13.66 26.02 16.97
C GLU C 65 -15.02 26.26 16.34
N THR C 66 -15.04 26.86 15.15
CA THR C 66 -16.31 27.11 14.43
C THR C 66 -16.95 25.75 14.12
N THR C 67 -16.13 24.82 13.65
CA THR C 67 -16.61 23.49 13.30
C THR C 67 -17.16 22.77 14.53
N GLN C 68 -16.56 23.04 15.68
CA GLN C 68 -16.97 22.45 16.94
C GLN C 68 -18.33 22.97 17.44
N ALA C 69 -18.55 24.27 17.33
CA ALA C 69 -19.82 24.86 17.77
C ALA C 69 -20.96 24.24 16.99
N MET C 70 -20.63 23.47 15.97
CA MET C 70 -21.65 22.83 15.16
C MET C 70 -22.43 21.86 16.04
N ALA C 71 -21.79 21.36 17.08
CA ALA C 71 -22.46 20.41 17.96
C ALA C 71 -23.61 20.99 18.80
N PHE C 72 -23.63 22.31 19.00
CA PHE C 72 -24.70 22.95 19.78
C PHE C 72 -26.04 22.98 19.06
N ASP C 73 -26.12 22.42 17.86
CA ASP C 73 -27.37 22.44 17.12
C ASP C 73 -28.55 21.86 17.91
N GLY C 74 -29.58 22.66 18.08
CA GLY C 74 -30.76 22.22 18.81
C GLY C 74 -30.71 22.65 20.27
N ILE C 75 -29.61 23.24 20.70
CA ILE C 75 -29.50 23.68 22.09
C ILE C 75 -30.62 24.67 22.40
N ILE C 76 -31.21 24.54 23.59
CA ILE C 76 -32.29 25.43 24.01
C ILE C 76 -31.78 26.68 24.69
N PHE C 77 -32.13 27.83 24.13
CA PHE C 77 -31.72 29.11 24.65
C PHE C 77 -32.95 29.94 24.97
N GLN C 78 -33.14 30.24 26.25
CA GLN C 78 -34.28 31.03 26.73
C GLN C 78 -35.56 30.54 26.10
N GLY C 79 -35.75 29.22 26.15
CA GLY C 79 -36.94 28.61 25.62
C GLY C 79 -36.85 28.12 24.19
N GLN C 80 -36.00 28.76 23.40
CA GLN C 80 -35.87 28.40 21.99
C GLN C 80 -34.77 27.41 21.60
N SER C 81 -35.14 26.51 20.68
CA SER C 81 -34.25 25.48 20.18
C SER C 81 -33.49 26.09 18.99
N LEU C 82 -32.22 26.41 19.21
CA LEU C 82 -31.39 27.04 18.18
C LEU C 82 -31.08 26.20 16.96
N LYS C 83 -31.12 26.84 15.79
CA LYS C 83 -30.81 26.18 14.54
C LYS C 83 -29.41 26.62 14.12
N ILE C 84 -28.44 25.74 14.33
CA ILE C 84 -27.06 26.04 14.00
C ILE C 84 -26.66 25.36 12.69
N ARG C 85 -26.33 26.19 11.70
CA ARG C 85 -25.95 25.70 10.39
C ARG C 85 -24.73 26.47 9.88
N ARG C 86 -24.19 26.06 8.74
CA ARG C 86 -23.05 26.76 8.18
C ARG C 86 -23.52 27.78 7.17
N PRO C 87 -22.71 28.82 6.92
CA PRO C 87 -23.09 29.85 5.94
C PRO C 87 -23.37 29.19 4.61
N HIS C 88 -24.29 29.76 3.83
CA HIS C 88 -24.60 29.17 2.54
C HIS C 88 -23.46 29.33 1.54
N ASP C 89 -22.59 30.33 1.75
CA ASP C 89 -21.44 30.53 0.85
C ASP C 89 -20.36 29.50 1.19
N TYR C 90 -20.47 28.89 2.37
CA TYR C 90 -19.52 27.89 2.84
C TYR C 90 -19.63 26.61 2.04
N GLN C 91 -18.52 26.15 1.48
CA GLN C 91 -18.51 24.94 0.67
C GLN C 91 -17.48 23.88 1.03
N PRO C 92 -17.93 22.63 1.23
CA PRO C 92 -17.01 21.54 1.57
C PRO C 92 -16.19 21.21 0.33
N LEU C 93 -14.92 20.90 0.52
CA LEU C 93 -14.05 20.56 -0.60
C LEU C 93 -14.51 19.22 -1.18
N PRO C 94 -14.77 19.18 -2.50
CA PRO C 94 -15.23 17.96 -3.19
C PRO C 94 -14.53 16.65 -2.82
N GLY C 95 -15.27 15.56 -2.90
CA GLY C 95 -14.72 14.26 -2.58
C GLY C 95 -14.72 14.01 -1.08
N ALA C 96 -14.90 15.08 -0.32
CA ALA C 96 -14.92 14.97 1.13
C ALA C 96 -15.95 13.94 1.55
N HIS C 97 -17.11 13.99 0.90
CA HIS C 97 -18.19 13.08 1.22
C HIS C 97 -18.65 12.26 0.02
N LYS C 98 -17.72 11.81 -0.80
CA LYS C 98 -18.06 11.00 -1.96
C LYS C 98 -18.52 9.64 -1.42
N LEU C 99 -19.56 9.06 -2.01
CA LEU C 99 -20.05 7.76 -1.57
C LEU C 99 -19.83 6.71 -2.64
N PHE C 100 -19.61 5.48 -2.19
CA PHE C 100 -19.41 4.34 -3.09
C PHE C 100 -20.69 3.51 -3.02
N ILE C 101 -21.15 3.00 -4.17
CA ILE C 101 -22.36 2.19 -4.20
C ILE C 101 -22.12 0.85 -4.87
N GLY C 102 -22.10 -0.21 -4.06
CA GLY C 102 -21.87 -1.55 -4.58
C GLY C 102 -23.06 -2.48 -4.42
N GLY C 103 -23.12 -3.49 -5.28
CA GLY C 103 -24.20 -4.47 -5.24
C GLY C 103 -25.39 -4.08 -6.11
N LEU C 104 -25.12 -3.41 -7.22
CA LEU C 104 -26.18 -2.98 -8.11
C LEU C 104 -26.40 -3.88 -9.32
N PRO C 105 -27.65 -4.28 -9.56
CA PRO C 105 -28.00 -5.15 -10.70
C PRO C 105 -27.48 -4.52 -11.99
N ASN C 106 -26.33 -4.99 -12.45
CA ASN C 106 -25.66 -4.49 -13.66
C ASN C 106 -26.50 -4.29 -14.92
N TYR C 107 -27.82 -4.36 -14.82
CA TYR C 107 -28.66 -4.15 -15.99
C TYR C 107 -29.39 -2.83 -15.90
N LEU C 108 -29.30 -2.20 -14.73
CA LEU C 108 -29.94 -0.90 -14.52
C LEU C 108 -29.05 0.16 -15.14
N ASN C 109 -29.63 1.33 -15.42
CA ASN C 109 -28.90 2.42 -16.03
C ASN C 109 -28.69 3.60 -15.07
N ASP C 110 -28.15 4.69 -15.59
CA ASP C 110 -27.89 5.87 -14.79
C ASP C 110 -29.15 6.41 -14.11
N ASP C 111 -30.18 6.71 -14.90
CA ASP C 111 -31.41 7.27 -14.36
C ASP C 111 -32.05 6.38 -13.30
N GLN C 112 -32.06 5.07 -13.52
CA GLN C 112 -32.68 4.16 -12.57
C GLN C 112 -31.90 4.09 -11.25
N VAL C 113 -30.57 4.15 -11.33
CA VAL C 113 -29.75 4.10 -10.13
C VAL C 113 -29.84 5.43 -9.37
N LYS C 114 -29.90 6.53 -10.11
CA LYS C 114 -29.98 7.85 -9.48
C LYS C 114 -31.31 8.02 -8.78
N GLU C 115 -32.37 7.51 -9.41
CA GLU C 115 -33.71 7.59 -8.87
C GLU C 115 -33.78 7.15 -7.40
N LEU C 116 -33.05 6.09 -7.07
CA LEU C 116 -33.04 5.56 -5.69
C LEU C 116 -32.17 6.45 -4.81
N LEU C 117 -31.15 7.01 -5.42
CA LEU C 117 -30.21 7.89 -4.73
C LEU C 117 -30.82 9.24 -4.35
N THR C 118 -31.34 9.95 -5.34
CA THR C 118 -31.92 11.26 -5.13
C THR C 118 -33.14 11.25 -4.19
N SER C 119 -33.62 10.07 -3.83
CA SER C 119 -34.77 9.98 -2.94
C SER C 119 -34.37 10.46 -1.54
N PHE C 120 -33.07 10.61 -1.30
CA PHE C 120 -32.59 11.09 0.00
C PHE C 120 -32.27 12.58 -0.09
N GLY C 121 -32.12 13.07 -1.32
CA GLY C 121 -31.78 14.45 -1.56
C GLY C 121 -31.10 14.59 -2.91
N PRO C 122 -30.83 15.82 -3.37
CA PRO C 122 -30.19 16.11 -4.66
C PRO C 122 -28.70 15.72 -4.75
N LEU C 123 -28.30 15.27 -5.93
CA LEU C 123 -26.91 14.87 -6.18
C LEU C 123 -26.12 15.96 -6.91
N LYS C 124 -24.94 16.28 -6.41
CA LYS C 124 -24.12 17.27 -7.08
C LYS C 124 -23.10 16.52 -7.91
N ALA C 125 -23.10 15.19 -7.79
CA ALA C 125 -22.18 14.36 -8.55
C ALA C 125 -22.67 12.93 -8.61
N PHE C 126 -22.43 12.29 -9.75
CA PHE C 126 -22.84 10.92 -9.96
C PHE C 126 -22.18 10.25 -11.16
N ASN C 127 -21.83 8.99 -10.99
CA ASN C 127 -21.25 8.24 -12.09
C ASN C 127 -21.36 6.75 -11.80
N LEU C 128 -21.94 6.02 -12.76
CA LEU C 128 -22.10 4.58 -12.69
C LEU C 128 -21.05 4.05 -13.64
N VAL C 129 -20.19 3.17 -13.15
CA VAL C 129 -19.12 2.61 -13.96
C VAL C 129 -19.63 1.66 -15.03
N LYS C 130 -19.16 1.87 -16.26
CA LYS C 130 -19.56 1.06 -17.38
C LYS C 130 -18.38 0.62 -18.24
N ASP C 131 -18.38 -0.65 -18.63
CA ASP C 131 -17.35 -1.19 -19.50
C ASP C 131 -17.33 -0.28 -20.75
N SER C 132 -16.20 0.36 -21.03
CA SER C 132 -16.14 1.26 -22.19
C SER C 132 -16.34 0.57 -23.54
N ALA C 133 -16.00 -0.71 -23.61
CA ALA C 133 -16.16 -1.44 -24.86
C ALA C 133 -17.63 -1.83 -25.15
N THR C 134 -18.37 -2.12 -24.09
CA THR C 134 -19.76 -2.53 -24.24
C THR C 134 -20.76 -1.50 -23.74
N GLY C 135 -20.31 -0.65 -22.82
CA GLY C 135 -21.18 0.36 -22.23
C GLY C 135 -22.12 -0.26 -21.21
N LEU C 136 -21.73 -1.40 -20.65
CA LEU C 136 -22.56 -2.12 -19.68
C LEU C 136 -22.18 -1.87 -18.21
N SER C 137 -23.17 -1.55 -17.39
CA SER C 137 -22.94 -1.30 -15.98
C SER C 137 -22.10 -2.37 -15.32
N LYS C 138 -21.19 -1.94 -14.44
CA LYS C 138 -20.33 -2.86 -13.73
C LYS C 138 -20.95 -3.13 -12.37
N GLY C 139 -22.17 -2.60 -12.19
CA GLY C 139 -22.85 -2.84 -10.93
C GLY C 139 -22.44 -2.00 -9.75
N TYR C 140 -21.59 -0.99 -9.94
CA TYR C 140 -21.22 -0.13 -8.82
C TYR C 140 -21.11 1.34 -9.24
N ALA C 141 -21.32 2.25 -8.29
CA ALA C 141 -21.27 3.66 -8.63
C ALA C 141 -20.71 4.57 -7.53
N PHE C 142 -20.50 5.83 -7.91
CA PHE C 142 -20.00 6.86 -7.02
C PHE C 142 -20.96 8.05 -7.09
N CYS C 143 -21.10 8.78 -6.00
CA CYS C 143 -21.98 9.95 -6.00
C CYS C 143 -21.73 10.86 -4.80
N GLU C 144 -22.18 12.10 -4.92
CA GLU C 144 -22.03 13.05 -3.83
C GLU C 144 -23.26 13.93 -3.72
N TYR C 145 -23.75 14.05 -2.49
CA TYR C 145 -24.93 14.84 -2.24
C TYR C 145 -24.66 16.32 -2.12
N VAL C 146 -25.56 17.14 -2.68
CA VAL C 146 -25.42 18.59 -2.62
C VAL C 146 -25.40 19.01 -1.15
N ASP C 147 -26.41 18.57 -0.41
CA ASP C 147 -26.46 18.87 1.02
C ASP C 147 -25.63 17.77 1.68
N ILE C 148 -24.47 18.15 2.19
CA ILE C 148 -23.55 17.24 2.86
C ILE C 148 -24.18 16.29 3.89
N ASN C 149 -25.19 16.77 4.61
CA ASN C 149 -25.84 15.95 5.62
C ASN C 149 -26.62 14.76 5.09
N VAL C 150 -27.17 14.91 3.89
CA VAL C 150 -27.94 13.82 3.31
C VAL C 150 -27.09 12.55 3.25
N THR C 151 -25.78 12.73 3.25
CA THR C 151 -24.82 11.63 3.18
C THR C 151 -25.00 10.50 4.19
N ASP C 152 -25.16 10.83 5.46
CA ASP C 152 -25.35 9.81 6.47
C ASP C 152 -26.77 9.27 6.47
N GLN C 153 -27.65 9.92 5.69
CA GLN C 153 -29.03 9.50 5.57
C GLN C 153 -29.18 8.48 4.45
N ALA C 154 -28.42 8.64 3.38
CA ALA C 154 -28.46 7.71 2.26
C ALA C 154 -27.78 6.44 2.74
N ILE C 155 -26.69 6.63 3.48
CA ILE C 155 -25.93 5.51 4.01
C ILE C 155 -26.76 4.66 4.96
N ALA C 156 -27.39 5.31 5.94
CA ALA C 156 -28.20 4.61 6.91
C ALA C 156 -29.37 3.92 6.23
N GLY C 157 -29.91 4.54 5.19
CA GLY C 157 -31.05 3.94 4.51
C GLY C 157 -30.79 3.04 3.32
N LEU C 158 -29.53 2.89 2.92
CA LEU C 158 -29.22 2.04 1.76
C LEU C 158 -28.14 1.00 2.00
N ASN C 159 -27.21 1.31 2.91
CA ASN C 159 -26.14 0.40 3.21
C ASN C 159 -26.66 -0.84 3.93
N GLY C 160 -26.30 -2.01 3.40
CA GLY C 160 -26.72 -3.27 3.99
C GLY C 160 -28.15 -3.63 3.68
N MET C 161 -28.83 -2.77 2.94
CA MET C 161 -30.21 -3.01 2.58
C MET C 161 -30.23 -3.94 1.38
N GLN C 162 -31.41 -4.48 1.07
CA GLN C 162 -31.56 -5.39 -0.05
C GLN C 162 -32.24 -4.75 -1.26
N LEU C 163 -31.68 -5.03 -2.44
CA LEU C 163 -32.21 -4.54 -3.71
C LEU C 163 -32.14 -5.69 -4.67
N GLY C 164 -33.20 -6.49 -4.70
CA GLY C 164 -33.23 -7.64 -5.59
C GLY C 164 -32.66 -8.82 -4.84
N ASP C 165 -32.00 -9.71 -5.57
CA ASP C 165 -31.39 -10.89 -4.97
C ASP C 165 -29.94 -10.61 -4.54
N LYS C 166 -29.67 -9.36 -4.18
CA LYS C 166 -28.34 -8.94 -3.75
C LYS C 166 -28.41 -8.00 -2.54
N LYS C 167 -27.25 -7.70 -1.97
CA LYS C 167 -27.17 -6.83 -0.80
C LYS C 167 -26.34 -5.59 -1.12
N LEU C 168 -26.93 -4.42 -0.94
CA LEU C 168 -26.23 -3.18 -1.26
C LEU C 168 -25.16 -2.77 -0.27
N LEU C 169 -24.13 -2.13 -0.80
CA LEU C 169 -23.04 -1.64 0.02
C LEU C 169 -22.98 -0.15 -0.26
N VAL C 170 -23.06 0.65 0.79
CA VAL C 170 -23.00 2.10 0.66
C VAL C 170 -22.12 2.65 1.77
N GLN C 171 -21.08 3.37 1.37
CA GLN C 171 -20.13 3.95 2.32
C GLN C 171 -19.28 5.03 1.66
N ARG C 172 -18.68 5.87 2.49
CA ARG C 172 -17.83 6.92 1.97
C ARG C 172 -16.66 6.26 1.21
N ALA C 173 -16.22 6.88 0.13
CA ALA C 173 -15.12 6.34 -0.67
C ALA C 173 -13.78 6.70 -0.06
N SER C 174 -13.73 7.84 0.61
CA SER C 174 -12.53 8.34 1.28
C SER C 174 -11.25 8.00 0.54
N LEU D 3 4.66 -5.24 -27.57
CA LEU D 3 3.50 -4.42 -27.11
C LEU D 3 3.94 -3.40 -26.05
N GLY D 4 3.42 -2.19 -26.18
CA GLY D 4 3.75 -1.12 -25.25
C GLY D 4 2.89 -1.14 -23.99
N SER D 5 1.94 -2.08 -23.94
CA SER D 5 1.07 -2.19 -22.77
C SER D 5 1.90 -2.82 -21.68
N ALA D 6 3.16 -3.13 -22.02
CA ALA D 6 4.10 -3.71 -21.09
C ALA D 6 4.92 -2.59 -20.46
N ARG D 7 4.67 -1.35 -20.92
CA ARG D 7 5.35 -0.16 -20.42
C ARG D 7 4.33 0.82 -19.84
N ARG D 8 3.14 0.31 -19.53
CA ARG D 8 2.09 1.15 -18.97
C ARG D 8 1.58 0.53 -17.68
N LEU D 9 1.06 1.37 -16.79
CA LEU D 9 0.50 0.88 -15.55
C LEU D 9 -0.74 1.69 -15.18
N TYR D 10 -1.71 1.03 -14.57
CA TYR D 10 -2.93 1.70 -14.15
C TYR D 10 -2.75 2.20 -12.72
N VAL D 11 -3.34 3.34 -12.42
CA VAL D 11 -3.24 3.94 -11.09
C VAL D 11 -4.61 4.35 -10.66
N GLY D 12 -5.08 3.79 -9.54
CA GLY D 12 -6.39 4.16 -9.06
C GLY D 12 -6.35 4.94 -7.77
N ASN D 13 -7.50 5.45 -7.36
CA ASN D 13 -7.61 6.17 -6.11
C ASN D 13 -6.69 7.39 -6.04
N ILE D 14 -6.59 8.14 -7.14
CA ILE D 14 -5.75 9.33 -7.16
C ILE D 14 -6.47 10.48 -6.46
N PRO D 15 -5.74 11.27 -5.67
CA PRO D 15 -6.30 12.42 -4.94
C PRO D 15 -6.93 13.45 -5.88
N PHE D 16 -8.11 13.93 -5.54
CA PHE D 16 -8.79 14.92 -6.34
C PHE D 16 -7.85 16.06 -6.70
N GLY D 17 -8.04 16.61 -7.90
CA GLY D 17 -7.24 17.73 -8.33
C GLY D 17 -5.79 17.48 -8.73
N ILE D 18 -5.27 16.29 -8.48
CA ILE D 18 -3.88 16.01 -8.85
C ILE D 18 -3.65 16.36 -10.30
N THR D 19 -2.44 16.75 -10.65
CA THR D 19 -2.14 17.10 -12.03
C THR D 19 -1.16 16.09 -12.61
N GLU D 20 -1.14 15.98 -13.94
CA GLU D 20 -0.27 15.03 -14.62
C GLU D 20 1.21 15.25 -14.31
N GLU D 21 1.58 16.50 -14.02
CA GLU D 21 2.97 16.85 -13.69
C GLU D 21 3.29 16.34 -12.28
N ALA D 22 2.39 16.65 -11.35
CA ALA D 22 2.53 16.25 -9.97
C ALA D 22 2.70 14.74 -9.90
N MET D 23 1.88 14.03 -10.65
CA MET D 23 1.91 12.57 -10.70
C MET D 23 3.23 12.08 -11.27
N MET D 24 3.68 12.70 -12.35
CA MET D 24 4.93 12.33 -12.99
C MET D 24 6.16 12.52 -12.09
N ASP D 25 6.19 13.63 -11.36
CA ASP D 25 7.31 13.90 -10.46
C ASP D 25 7.34 12.87 -9.33
N PHE D 26 6.16 12.55 -8.80
CA PHE D 26 6.06 11.60 -7.70
C PHE D 26 6.73 10.26 -8.01
N PHE D 27 6.27 9.60 -9.08
CA PHE D 27 6.81 8.30 -9.47
C PHE D 27 8.25 8.32 -9.90
N ASN D 28 8.66 9.40 -10.55
CA ASN D 28 10.05 9.49 -10.99
C ASN D 28 10.93 9.58 -9.75
N ALA D 29 10.37 10.16 -8.69
CA ALA D 29 11.11 10.33 -7.45
C ALA D 29 11.05 9.03 -6.65
N GLN D 30 9.87 8.43 -6.57
CA GLN D 30 9.73 7.18 -5.83
C GLN D 30 10.70 6.17 -6.43
N MET D 31 10.78 6.14 -7.76
CA MET D 31 11.69 5.22 -8.44
C MET D 31 13.14 5.49 -8.02
N ARG D 32 13.57 6.75 -8.09
CA ARG D 32 14.94 7.10 -7.71
C ARG D 32 15.24 6.74 -6.25
N LEU D 33 14.29 7.04 -5.36
CA LEU D 33 14.45 6.75 -3.94
C LEU D 33 14.67 5.25 -3.65
N GLY D 34 14.01 4.39 -4.42
CA GLY D 34 14.13 2.97 -4.19
C GLY D 34 15.26 2.27 -4.94
N GLY D 35 15.94 3.03 -5.79
CA GLY D 35 17.01 2.45 -6.58
C GLY D 35 16.43 1.48 -7.58
N LEU D 36 15.14 1.66 -7.87
CA LEU D 36 14.45 0.81 -8.81
C LEU D 36 14.77 1.23 -10.23
N THR D 37 15.48 2.34 -10.36
CA THR D 37 15.86 2.89 -11.65
C THR D 37 16.93 2.04 -12.31
N GLN D 38 16.83 1.87 -13.63
CA GLN D 38 17.78 1.05 -14.36
C GLN D 38 18.78 1.91 -15.17
N ALA D 39 18.77 3.21 -14.92
CA ALA D 39 19.66 4.13 -15.63
C ALA D 39 19.40 5.56 -15.19
N PRO D 40 20.12 6.53 -15.78
CA PRO D 40 19.94 7.93 -15.42
C PRO D 40 18.65 8.48 -16.04
N GLY D 41 18.15 9.58 -15.49
CA GLY D 41 16.95 10.17 -16.02
C GLY D 41 15.68 9.61 -15.38
N ASN D 42 14.54 10.06 -15.89
CA ASN D 42 13.24 9.64 -15.39
C ASN D 42 12.65 8.47 -16.16
N PRO D 43 12.12 7.46 -15.44
CA PRO D 43 11.51 6.27 -16.03
C PRO D 43 10.13 6.58 -16.63
N VAL D 44 9.39 7.46 -15.94
CA VAL D 44 8.06 7.83 -16.41
C VAL D 44 8.18 8.88 -17.49
N LEU D 45 7.63 8.56 -18.66
CA LEU D 45 7.67 9.44 -19.79
C LEU D 45 6.45 10.34 -19.78
N ALA D 46 5.31 9.80 -19.37
CA ALA D 46 4.08 10.59 -19.34
C ALA D 46 2.97 10.01 -18.45
N VAL D 47 1.96 10.83 -18.18
CA VAL D 47 0.84 10.40 -17.34
C VAL D 47 -0.49 10.88 -17.92
N GLN D 48 -1.47 9.98 -17.94
CA GLN D 48 -2.80 10.35 -18.46
C GLN D 48 -3.83 10.25 -17.35
N ILE D 49 -4.51 11.36 -17.07
CA ILE D 49 -5.50 11.43 -16.00
C ILE D 49 -6.96 11.64 -16.42
N ASN D 50 -7.83 10.82 -15.86
CA ASN D 50 -9.27 10.91 -16.07
C ASN D 50 -9.79 11.32 -14.70
N GLN D 51 -10.03 12.62 -14.50
CA GLN D 51 -10.52 13.16 -13.22
C GLN D 51 -11.88 12.59 -12.82
N ASP D 52 -12.76 12.37 -13.80
CA ASP D 52 -14.11 11.88 -13.56
C ASP D 52 -14.18 10.51 -12.91
N LYS D 53 -13.34 9.58 -13.34
CA LYS D 53 -13.33 8.24 -12.76
C LYS D 53 -12.10 8.11 -11.88
N ASN D 54 -11.42 9.25 -11.73
CA ASN D 54 -10.21 9.40 -10.94
C ASN D 54 -9.21 8.24 -11.01
N PHE D 55 -8.71 7.98 -12.21
CA PHE D 55 -7.72 6.94 -12.39
C PHE D 55 -6.69 7.56 -13.32
N ALA D 56 -5.57 6.90 -13.50
CA ALA D 56 -4.54 7.43 -14.36
C ALA D 56 -3.75 6.33 -15.00
N PHE D 57 -2.88 6.71 -15.94
CA PHE D 57 -2.00 5.79 -16.60
C PHE D 57 -0.63 6.45 -16.64
N LEU D 58 0.40 5.66 -16.33
CA LEU D 58 1.77 6.13 -16.33
C LEU D 58 2.52 5.40 -17.43
N GLU D 59 3.31 6.12 -18.20
CA GLU D 59 4.07 5.47 -19.24
C GLU D 59 5.54 5.47 -18.85
N PHE D 60 6.19 4.34 -19.03
CA PHE D 60 7.59 4.17 -18.69
C PHE D 60 8.43 3.98 -19.95
N ARG D 61 9.74 4.14 -19.83
CA ARG D 61 10.66 4.01 -20.96
C ARG D 61 11.16 2.59 -21.18
N SER D 62 10.98 1.72 -20.18
CA SER D 62 11.44 0.35 -20.27
C SER D 62 10.51 -0.68 -19.63
N VAL D 63 10.56 -1.91 -20.12
CA VAL D 63 9.71 -2.95 -19.59
C VAL D 63 10.11 -3.31 -18.17
N ASP D 64 11.41 -3.37 -17.91
CA ASP D 64 11.88 -3.72 -16.56
C ASP D 64 11.38 -2.72 -15.52
N GLU D 65 11.65 -1.45 -15.76
CA GLU D 65 11.23 -0.43 -14.83
C GLU D 65 9.73 -0.45 -14.63
N THR D 66 8.98 -0.74 -15.68
CA THR D 66 7.53 -0.82 -15.58
C THR D 66 7.20 -1.92 -14.58
N THR D 67 7.90 -3.05 -14.69
CA THR D 67 7.64 -4.15 -13.77
C THR D 67 8.03 -3.70 -12.39
N GLN D 68 9.12 -2.96 -12.33
CA GLN D 68 9.65 -2.45 -11.08
C GLN D 68 8.70 -1.54 -10.31
N ALA D 69 7.87 -0.76 -11.03
CA ALA D 69 6.93 0.16 -10.39
C ALA D 69 5.75 -0.56 -9.77
N MET D 70 5.54 -1.81 -10.13
CA MET D 70 4.42 -2.57 -9.56
C MET D 70 4.55 -2.59 -8.05
N ALA D 71 5.78 -2.40 -7.57
CA ALA D 71 6.09 -2.40 -6.13
C ALA D 71 5.59 -1.14 -5.41
N PHE D 72 4.83 -0.33 -6.13
CA PHE D 72 4.33 0.90 -5.56
C PHE D 72 2.85 0.83 -5.20
N ASP D 73 2.28 -0.36 -5.22
CA ASP D 73 0.87 -0.52 -4.87
C ASP D 73 0.70 -0.20 -3.39
N GLY D 74 -0.29 0.63 -3.08
CA GLY D 74 -0.54 1.00 -1.70
C GLY D 74 0.31 2.17 -1.22
N ILE D 75 1.15 2.70 -2.10
CA ILE D 75 2.02 3.82 -1.73
C ILE D 75 1.14 5.06 -1.45
N ILE D 76 1.59 5.94 -0.57
CA ILE D 76 0.81 7.14 -0.24
C ILE D 76 1.21 8.36 -1.06
N PHE D 77 0.22 9.00 -1.64
CA PHE D 77 0.43 10.20 -2.44
C PHE D 77 -0.65 11.18 -1.98
N GLN D 78 -0.20 12.32 -1.43
CA GLN D 78 -1.08 13.33 -0.86
C GLN D 78 -2.03 12.74 0.16
N GLY D 79 -1.51 11.85 1.00
CA GLY D 79 -2.33 11.25 2.03
C GLY D 79 -3.17 10.05 1.61
N GLN D 80 -3.45 9.93 0.31
CA GLN D 80 -4.25 8.84 -0.21
C GLN D 80 -3.41 7.67 -0.75
N SER D 81 -3.90 6.45 -0.54
CA SER D 81 -3.24 5.22 -0.98
C SER D 81 -3.48 4.90 -2.47
N LEU D 82 -2.41 4.71 -3.21
CA LEU D 82 -2.55 4.44 -4.62
C LEU D 82 -2.69 2.98 -4.98
N LYS D 83 -3.51 2.73 -5.99
CA LYS D 83 -3.70 1.37 -6.44
C LYS D 83 -3.00 1.25 -7.80
N ILE D 84 -1.94 0.45 -7.83
CA ILE D 84 -1.19 0.23 -9.05
C ILE D 84 -1.54 -1.17 -9.56
N ARG D 85 -1.81 -1.28 -10.85
CA ARG D 85 -2.14 -2.57 -11.45
C ARG D 85 -1.68 -2.55 -12.91
N ARG D 86 -1.60 -3.72 -13.50
CA ARG D 86 -1.21 -3.84 -14.87
C ARG D 86 -2.38 -3.47 -15.76
N PRO D 87 -2.10 -3.00 -16.98
CA PRO D 87 -3.24 -2.66 -17.83
C PRO D 87 -3.99 -3.95 -18.13
N HIS D 88 -5.24 -3.81 -18.55
CA HIS D 88 -6.03 -4.98 -18.89
C HIS D 88 -5.56 -5.60 -20.20
N ASP D 89 -5.01 -4.77 -21.08
CA ASP D 89 -4.49 -5.26 -22.36
C ASP D 89 -3.05 -5.74 -22.16
N TYR D 90 -2.74 -6.24 -20.97
CA TYR D 90 -1.39 -6.71 -20.68
C TYR D 90 -1.22 -8.16 -21.05
N GLN D 91 -0.02 -8.49 -21.53
CA GLN D 91 0.29 -9.84 -21.93
C GLN D 91 1.59 -10.32 -21.31
N PRO D 92 1.52 -11.05 -20.19
CA PRO D 92 2.70 -11.55 -19.50
C PRO D 92 3.54 -12.32 -20.52
N LEU D 93 2.85 -12.95 -21.46
CA LEU D 93 3.50 -13.69 -22.53
C LEU D 93 3.47 -12.83 -23.78
N PRO D 94 4.61 -12.19 -24.10
CA PRO D 94 4.79 -11.29 -25.25
C PRO D 94 3.93 -11.51 -26.51
N GLY D 95 4.15 -12.58 -27.25
CA GLY D 95 3.35 -12.82 -28.45
C GLY D 95 2.71 -14.20 -28.55
N ALA D 96 1.89 -14.52 -27.56
CA ALA D 96 1.21 -15.80 -27.49
C ALA D 96 -0.06 -15.83 -28.35
N HIS D 97 -0.32 -14.72 -29.03
CA HIS D 97 -1.49 -14.64 -29.89
C HIS D 97 -1.09 -14.27 -31.31
N LYS D 98 0.21 -14.33 -31.56
CA LYS D 98 0.74 -14.05 -32.88
C LYS D 98 0.29 -15.24 -33.75
N LEU D 99 -0.38 -14.96 -34.86
CA LEU D 99 -0.85 -16.02 -35.74
C LEU D 99 0.04 -16.33 -36.95
N PHE D 100 -0.13 -17.55 -37.45
CA PHE D 100 0.56 -18.00 -38.65
C PHE D 100 -0.54 -18.16 -39.70
N ILE D 101 -0.41 -17.47 -40.82
CA ILE D 101 -1.39 -17.59 -41.89
C ILE D 101 -0.68 -18.26 -43.05
N GLY D 102 -0.76 -19.58 -43.11
CA GLY D 102 -0.11 -20.29 -44.19
C GLY D 102 -1.08 -20.75 -45.25
N GLY D 103 -0.58 -21.09 -46.44
CA GLY D 103 -1.43 -21.56 -47.50
C GLY D 103 -1.92 -20.47 -48.43
N LEU D 104 -1.61 -19.23 -48.11
CA LEU D 104 -2.01 -18.11 -48.93
C LEU D 104 -1.66 -18.36 -50.39
N PRO D 105 -2.60 -18.09 -51.31
CA PRO D 105 -2.33 -18.29 -52.73
C PRO D 105 -1.03 -17.58 -53.08
N ASN D 106 -0.26 -18.21 -53.97
CA ASN D 106 1.04 -17.71 -54.40
C ASN D 106 1.08 -16.37 -55.13
N TYR D 107 -0.07 -15.73 -55.33
CA TYR D 107 -0.10 -14.46 -56.05
C TYR D 107 -0.49 -13.22 -55.25
N LEU D 108 -1.18 -13.42 -54.13
CA LEU D 108 -1.62 -12.31 -53.28
C LEU D 108 -0.47 -11.47 -52.71
N ASN D 109 -0.79 -10.28 -52.21
CA ASN D 109 0.22 -9.40 -51.62
C ASN D 109 -0.25 -8.82 -50.30
N ASP D 110 0.61 -8.05 -49.65
CA ASP D 110 0.30 -7.42 -48.36
C ASP D 110 -1.16 -6.99 -48.22
N ASP D 111 -1.53 -5.98 -49.00
CA ASP D 111 -2.87 -5.42 -48.98
C ASP D 111 -3.94 -6.50 -49.17
N GLN D 112 -3.85 -7.22 -50.28
CA GLN D 112 -4.80 -8.28 -50.56
C GLN D 112 -4.93 -9.25 -49.37
N VAL D 113 -3.80 -9.66 -48.81
CA VAL D 113 -3.79 -10.59 -47.69
C VAL D 113 -4.16 -9.92 -46.36
N LYS D 114 -3.98 -8.60 -46.31
CA LYS D 114 -4.27 -7.84 -45.10
C LYS D 114 -5.78 -7.59 -44.93
N GLU D 115 -6.40 -7.06 -45.97
CA GLU D 115 -7.83 -6.77 -45.92
C GLU D 115 -8.65 -8.00 -45.52
N LEU D 116 -8.15 -9.19 -45.83
CA LEU D 116 -8.84 -10.43 -45.49
C LEU D 116 -8.77 -10.69 -43.99
N LEU D 117 -7.65 -10.29 -43.40
CA LEU D 117 -7.40 -10.46 -41.98
C LEU D 117 -8.13 -9.41 -41.13
N THR D 118 -8.18 -8.18 -41.64
CA THR D 118 -8.85 -7.09 -40.94
C THR D 118 -10.35 -7.32 -40.90
N SER D 119 -10.78 -8.43 -41.51
CA SER D 119 -12.19 -8.79 -41.55
C SER D 119 -12.68 -9.22 -40.17
N PHE D 120 -11.78 -9.31 -39.20
CA PHE D 120 -12.17 -9.68 -37.85
C PHE D 120 -11.71 -8.61 -36.88
N GLY D 121 -11.10 -7.57 -37.41
CA GLY D 121 -10.63 -6.48 -36.58
C GLY D 121 -9.32 -5.88 -37.04
N PRO D 122 -8.93 -4.73 -36.46
CA PRO D 122 -7.67 -4.06 -36.82
C PRO D 122 -6.44 -4.83 -36.34
N LEU D 123 -5.37 -4.73 -37.12
CA LEU D 123 -4.12 -5.43 -36.82
C LEU D 123 -3.04 -4.59 -36.15
N LYS D 124 -2.37 -5.17 -35.16
CA LYS D 124 -1.29 -4.49 -34.47
C LYS D 124 -0.03 -4.74 -35.28
N ALA D 125 0.08 -5.94 -35.84
CA ALA D 125 1.25 -6.30 -36.62
C ALA D 125 0.91 -7.30 -37.72
N PHE D 126 1.67 -7.22 -38.80
CA PHE D 126 1.50 -8.10 -39.96
C PHE D 126 2.76 -8.08 -40.81
N ASN D 127 2.92 -9.12 -41.63
CA ASN D 127 4.05 -9.24 -42.54
C ASN D 127 3.91 -10.50 -43.39
N LEU D 128 4.12 -10.36 -44.68
CA LEU D 128 4.01 -11.48 -45.62
C LEU D 128 5.43 -11.91 -45.95
N VAL D 129 5.73 -13.19 -45.82
CA VAL D 129 7.08 -13.67 -46.08
C VAL D 129 7.33 -13.77 -47.59
N LYS D 130 8.45 -13.21 -48.03
CA LYS D 130 8.81 -13.21 -49.45
C LYS D 130 10.25 -13.63 -49.69
N ASP D 131 10.50 -14.20 -50.87
CA ASP D 131 11.85 -14.64 -51.24
C ASP D 131 12.70 -13.40 -51.45
N SER D 132 13.48 -13.04 -50.44
CA SER D 132 14.32 -11.85 -50.52
C SER D 132 14.83 -11.46 -51.92
N ALA D 133 15.17 -12.43 -52.76
CA ALA D 133 15.67 -12.11 -54.12
C ALA D 133 14.53 -11.83 -55.12
N THR D 134 13.83 -12.88 -55.54
CA THR D 134 12.73 -12.72 -56.49
C THR D 134 11.68 -11.73 -55.95
N GLY D 135 11.65 -11.58 -54.63
CA GLY D 135 10.69 -10.70 -53.99
C GLY D 135 9.31 -11.31 -54.09
N LEU D 136 9.28 -12.61 -54.37
CA LEU D 136 8.02 -13.33 -54.52
C LEU D 136 7.51 -13.86 -53.18
N SER D 137 6.19 -13.88 -53.04
CA SER D 137 5.53 -14.36 -51.84
C SER D 137 5.81 -15.84 -51.59
N LYS D 138 6.11 -16.18 -50.33
CA LYS D 138 6.41 -17.55 -49.94
C LYS D 138 5.17 -18.36 -49.61
N GLY D 139 4.01 -17.71 -49.52
CA GLY D 139 2.80 -18.46 -49.23
C GLY D 139 2.31 -18.47 -47.79
N TYR D 140 2.96 -17.68 -46.93
CA TYR D 140 2.55 -17.60 -45.54
C TYR D 140 2.85 -16.24 -44.94
N ALA D 141 2.03 -15.87 -43.96
CA ALA D 141 2.15 -14.59 -43.29
C ALA D 141 1.90 -14.75 -41.79
N PHE D 142 2.23 -13.70 -41.05
CA PHE D 142 2.06 -13.67 -39.61
C PHE D 142 1.37 -12.35 -39.30
N CYS D 143 0.48 -12.38 -38.32
CA CYS D 143 -0.19 -11.15 -37.94
C CYS D 143 -0.61 -11.27 -36.50
N GLU D 144 -1.08 -10.16 -35.95
CA GLU D 144 -1.55 -10.14 -34.57
C GLU D 144 -2.60 -9.05 -34.50
N TYR D 145 -3.74 -9.39 -33.91
CA TYR D 145 -4.82 -8.44 -33.78
C TYR D 145 -4.59 -7.50 -32.61
N VAL D 146 -4.90 -6.22 -32.83
CA VAL D 146 -4.74 -5.21 -31.81
C VAL D 146 -5.56 -5.67 -30.61
N ASP D 147 -6.72 -6.27 -30.88
CA ASP D 147 -7.59 -6.77 -29.83
C ASP D 147 -7.38 -8.29 -29.74
N ILE D 148 -6.44 -8.68 -28.89
CA ILE D 148 -6.06 -10.08 -28.71
C ILE D 148 -7.21 -11.06 -28.47
N ASN D 149 -8.43 -10.55 -28.24
CA ASN D 149 -9.56 -11.45 -27.99
C ASN D 149 -10.31 -11.93 -29.22
N VAL D 150 -9.92 -11.40 -30.38
CA VAL D 150 -10.53 -11.74 -31.66
C VAL D 150 -9.80 -12.94 -32.25
N THR D 151 -8.54 -13.07 -31.87
CA THR D 151 -7.66 -14.14 -32.34
C THR D 151 -8.34 -15.49 -32.60
N ASP D 152 -9.07 -15.99 -31.60
CA ASP D 152 -9.76 -17.27 -31.74
C ASP D 152 -10.91 -17.21 -32.74
N GLN D 153 -11.60 -16.08 -32.81
CA GLN D 153 -12.69 -15.93 -33.76
C GLN D 153 -12.16 -15.87 -35.20
N ALA D 154 -10.95 -15.33 -35.36
CA ALA D 154 -10.34 -15.24 -36.67
C ALA D 154 -9.88 -16.62 -37.10
N ILE D 155 -9.38 -17.40 -36.15
CA ILE D 155 -8.95 -18.76 -36.47
C ILE D 155 -10.17 -19.57 -36.87
N ALA D 156 -11.24 -19.43 -36.10
CA ALA D 156 -12.47 -20.15 -36.39
C ALA D 156 -12.96 -19.71 -37.77
N GLY D 157 -12.81 -18.42 -38.03
CA GLY D 157 -13.26 -17.86 -39.29
C GLY D 157 -12.45 -18.16 -40.53
N LEU D 158 -11.13 -18.11 -40.44
CA LEU D 158 -10.26 -18.36 -41.59
C LEU D 158 -9.73 -19.77 -41.80
N ASN D 159 -9.22 -20.39 -40.73
CA ASN D 159 -8.65 -21.72 -40.83
C ASN D 159 -9.54 -22.71 -41.60
N GLY D 160 -9.03 -23.17 -42.74
CA GLY D 160 -9.77 -24.11 -43.57
C GLY D 160 -10.53 -23.46 -44.72
N MET D 161 -10.49 -22.14 -44.78
CA MET D 161 -11.18 -21.39 -45.85
C MET D 161 -10.60 -21.75 -47.21
N GLN D 162 -11.40 -21.57 -48.25
CA GLN D 162 -10.98 -21.87 -49.62
C GLN D 162 -10.63 -20.60 -50.37
N LEU D 163 -9.33 -20.28 -50.40
CA LEU D 163 -8.88 -19.08 -51.11
C LEU D 163 -8.55 -19.41 -52.56
N GLY D 164 -9.55 -19.90 -53.29
CA GLY D 164 -9.34 -20.24 -54.68
C GLY D 164 -9.03 -21.71 -54.92
N ASP D 165 -7.77 -22.08 -54.72
CA ASP D 165 -7.33 -23.46 -54.94
C ASP D 165 -6.62 -24.15 -53.78
N LYS D 166 -6.81 -23.65 -52.57
CA LYS D 166 -6.19 -24.27 -51.40
C LYS D 166 -6.85 -23.83 -50.10
N LYS D 167 -6.86 -24.72 -49.11
CA LYS D 167 -7.46 -24.40 -47.82
C LYS D 167 -6.46 -23.70 -46.91
N LEU D 168 -6.79 -22.45 -46.59
CA LEU D 168 -5.97 -21.60 -45.75
C LEU D 168 -5.73 -22.27 -44.40
N LEU D 169 -4.55 -22.01 -43.82
CA LEU D 169 -4.18 -22.55 -42.51
C LEU D 169 -3.86 -21.38 -41.58
N VAL D 170 -4.66 -21.24 -40.54
CA VAL D 170 -4.46 -20.18 -39.55
C VAL D 170 -4.47 -20.78 -38.15
N GLN D 171 -3.36 -20.59 -37.44
CA GLN D 171 -3.19 -21.13 -36.10
C GLN D 171 -2.24 -20.24 -35.31
N ARG D 172 -2.25 -20.34 -33.98
CA ARG D 172 -1.32 -19.54 -33.20
C ARG D 172 0.06 -20.00 -33.61
N ALA D 173 0.93 -19.05 -33.94
CA ALA D 173 2.28 -19.38 -34.35
C ALA D 173 3.09 -19.82 -33.14
N SER D 174 2.69 -19.32 -31.98
CA SER D 174 3.33 -19.61 -30.71
C SER D 174 4.84 -19.53 -30.86
#